data_3ZM9
#
_entry.id   3ZM9
#
_cell.length_a   55.746
_cell.length_b   121.214
_cell.length_c   131.861
_cell.angle_alpha   90.00
_cell.angle_beta   90.00
_cell.angle_gamma   90.00
#
_symmetry.space_group_name_H-M   'P 21 21 21'
#
loop_
_entity.id
_entity.type
_entity.pdbx_description
1 polymer 'CHOLINE KINASE ALPHA'
2 non-polymer '1-(4-(4-(4-((6-amino-9H-purin-9-yl)methyl)phenyl)butyl)benzyl)-4- (dimethylamino)pyridinium'
3 water water
#
_entity_poly.entity_id   1
_entity_poly.type   'polypeptide(L)'
_entity_poly.pdbx_seq_one_letter_code
;PQPPADEQPEPRTRRRAYLWCKEFLPGAWRGLREDEFHISVIRGGLSNMLFQCSLPDTTATLGDEPRKVLLRLYGAILQM
RSCNKEGSEQAQKENEFQGAEAMVLESVMFAILAERSLGPKLYGIFPQGRLEQFIPSRRLDTEELSLPDISAEIAEKMAT
FHGMKMPFNKEPKWLFGTMEKYLKEVLRIKFTEESRIKKLHKLLSYNLPLELENLRSLLESTPSPVVFCHNDCQEGNILL
LEGRENSEKQKLMLIDFEYSSYNYRGFDIGNHFCEWMYDYSYEKYPFFRANIRKYPTKKQQLHFISSYLPAFQNDFENLS
TEEKSIIKEEMLLEVNRFALASHFLWGLWSIVQAKISSIEFGYMDYAQARFDAYFHQKRKLGV
;
_entity_poly.pdbx_strand_id   A,B
#
loop_
_chem_comp.id
_chem_comp.type
_chem_comp.name
_chem_comp.formula
QMQ non-polymer '1-(4-(4-(4-((6-amino-9H-purin-9-yl)methyl)phenyl)butyl)benzyl)-4- (dimethylamino)pyridinium' 'C30 H34 N7 1'
#
# COMPACT_ATOMS: atom_id res chain seq x y z
N ASP A 6 -8.86 29.72 14.62
CA ASP A 6 -8.85 28.35 14.03
C ASP A 6 -10.07 27.52 14.42
N GLU A 7 -10.85 27.13 13.41
CA GLU A 7 -12.08 26.39 13.60
C GLU A 7 -11.84 25.02 14.26
N GLN A 8 -12.56 24.80 15.36
CA GLN A 8 -12.49 23.59 16.13
C GLN A 8 -13.50 22.57 15.59
N PRO A 9 -13.10 21.28 15.52
CA PRO A 9 -14.08 20.24 15.15
C PRO A 9 -15.05 20.01 16.32
N GLU A 10 -16.13 19.28 16.10
CA GLU A 10 -17.05 18.92 17.20
C GLU A 10 -16.29 18.03 18.19
N PRO A 11 -16.68 18.04 19.48
CA PRO A 11 -15.96 17.28 20.51
C PRO A 11 -15.68 15.81 20.14
N ARG A 12 -16.63 15.16 19.47
CA ARG A 12 -16.49 13.76 19.07
C ARG A 12 -15.34 13.52 18.07
N THR A 13 -15.29 14.35 17.04
CA THR A 13 -14.22 14.30 16.03
C THR A 13 -12.87 14.64 16.65
N ARG A 14 -12.84 15.61 17.55
CA ARG A 14 -11.65 15.88 18.36
C ARG A 14 -11.15 14.60 19.07
N ARG A 15 -12.04 13.88 19.72
CA ARG A 15 -11.66 12.71 20.52
C ARG A 15 -11.17 11.57 19.62
N ARG A 16 -11.86 11.35 18.50
CA ARG A 16 -11.40 10.36 17.54
C ARG A 16 -10.03 10.68 16.94
N ALA A 17 -9.83 11.95 16.56
CA ALA A 17 -8.57 12.41 15.98
C ALA A 17 -7.41 12.26 16.97
N TYR A 18 -7.69 12.60 18.23
CA TYR A 18 -6.74 12.42 19.32
C TYR A 18 -6.28 10.95 19.43
N LEU A 19 -7.24 10.02 19.40
CA LEU A 19 -6.94 8.58 19.54
C LEU A 19 -6.14 7.99 18.36
N TRP A 20 -6.45 8.43 17.14
CA TRP A 20 -5.67 8.01 15.99
C TRP A 20 -4.27 8.53 16.06
N CYS A 21 -4.10 9.80 16.38
CA CYS A 21 -2.77 10.38 16.48
C CYS A 21 -1.96 9.69 17.58
N LYS A 22 -2.60 9.46 18.72
CA LYS A 22 -1.89 8.88 19.86
C LYS A 22 -1.43 7.44 19.58
N GLU A 23 -2.23 6.71 18.82
CA GLU A 23 -1.93 5.30 18.56
C GLU A 23 -1.07 5.06 17.32
N PHE A 24 -1.19 5.92 16.30
CA PHE A 24 -0.42 5.71 15.06
C PHE A 24 0.91 6.44 15.04
N LEU A 25 1.01 7.54 15.79
CA LEU A 25 2.22 8.37 15.72
C LEU A 25 3.17 8.04 16.88
N PRO A 26 4.47 7.96 16.58
CA PRO A 26 5.46 7.62 17.61
C PRO A 26 5.91 8.83 18.46
N GLY A 27 6.75 8.56 19.47
CA GLY A 27 7.43 9.63 20.23
C GLY A 27 6.48 10.35 21.16
N ALA A 28 6.50 11.68 21.13
CA ALA A 28 5.77 12.47 22.12
C ALA A 28 4.24 12.34 21.95
N TRP A 29 3.81 11.88 20.79
CA TRP A 29 2.39 11.63 20.58
C TRP A 29 1.85 10.48 21.44
N ARG A 30 2.70 9.51 21.77
CA ARG A 30 2.24 8.29 22.44
C ARG A 30 1.71 8.54 23.87
N GLY A 31 2.24 9.57 24.54
CA GLY A 31 1.85 9.87 25.92
C GLY A 31 1.07 11.17 26.05
N LEU A 32 0.63 11.71 24.92
CA LEU A 32 -0.13 12.95 24.93
C LEU A 32 -1.47 12.75 25.64
N ARG A 33 -1.85 13.71 26.48
CA ARG A 33 -3.20 13.75 27.04
C ARG A 33 -4.19 14.46 26.11
N GLU A 34 -5.47 14.08 26.22
CA GLU A 34 -6.50 14.65 25.37
C GLU A 34 -6.49 16.17 25.49
N ASP A 35 -6.29 16.68 26.70
CA ASP A 35 -6.34 18.12 26.96
C ASP A 35 -5.17 18.86 26.28
N GLU A 36 -4.10 18.15 25.95
CA GLU A 36 -2.92 18.74 25.25
C GLU A 36 -3.02 18.70 23.71
N PHE A 37 -4.03 18.02 23.17
CA PHE A 37 -4.13 17.78 21.75
C PHE A 37 -4.62 19.05 21.03
N HIS A 38 -3.94 19.44 19.95
CA HIS A 38 -4.33 20.60 19.15
C HIS A 38 -4.82 20.16 17.80
N ILE A 39 -6.00 20.62 17.41
CA ILE A 39 -6.57 20.27 16.14
C ILE A 39 -7.38 21.45 15.61
N SER A 40 -7.26 21.72 14.33
CA SER A 40 -8.18 22.65 13.68
C SER A 40 -8.56 22.18 12.28
N VAL A 41 -9.69 22.70 11.81
CA VAL A 41 -10.26 22.34 10.52
C VAL A 41 -9.40 22.98 9.44
N ILE A 42 -9.06 22.20 8.42
CA ILE A 42 -8.47 22.76 7.19
C ILE A 42 -9.53 22.85 6.10
N ARG A 43 -10.39 21.83 6.03
CA ARG A 43 -11.52 21.83 5.10
C ARG A 43 -12.69 21.01 5.65
N GLY A 44 -13.85 21.63 5.71
CA GLY A 44 -15.09 20.94 6.08
C GLY A 44 -15.70 20.19 4.91
N GLY A 45 -17.03 20.08 4.93
CA GLY A 45 -17.75 19.31 3.91
C GLY A 45 -18.15 17.94 4.42
N LEU A 46 -18.80 17.18 3.55
CA LEU A 46 -19.36 15.86 3.92
C LEU A 46 -18.38 14.72 3.64
N SER A 47 -17.38 15.00 2.79
CA SER A 47 -16.36 14.02 2.42
C SER A 47 -14.97 14.66 2.29
N ASN A 48 -13.93 13.86 2.49
CA ASN A 48 -12.55 14.35 2.61
C ASN A 48 -12.41 15.60 3.48
N MET A 49 -12.88 15.49 4.72
CA MET A 49 -12.64 16.52 5.72
C MET A 49 -11.15 16.45 6.06
N LEU A 50 -10.53 17.61 6.16
CA LEU A 50 -9.12 17.70 6.45
C LEU A 50 -8.93 18.49 7.73
N PHE A 51 -7.99 18.05 8.57
CA PHE A 51 -7.66 18.71 9.80
C PHE A 51 -6.16 18.73 9.96
N GLN A 52 -5.65 19.76 10.61
CA GLN A 52 -4.28 19.81 11.05
C GLN A 52 -4.22 19.42 12.53
N CYS A 53 -3.37 18.45 12.86
CA CYS A 53 -3.24 18.03 14.26
C CYS A 53 -1.82 18.30 14.70
N SER A 54 -1.64 18.80 15.91
CA SER A 54 -0.28 19.13 16.37
C SER A 54 0.00 18.95 17.85
N LEU A 55 1.28 18.74 18.16
CA LEU A 55 1.74 18.76 19.54
C LEU A 55 1.64 20.20 20.11
N PRO A 56 1.55 20.35 21.44
CA PRO A 56 1.78 21.69 21.99
C PRO A 56 3.17 22.21 21.64
N ASP A 57 3.30 23.52 21.44
CA ASP A 57 4.61 24.13 21.22
C ASP A 57 5.58 23.86 22.38
N THR A 58 5.05 23.72 23.59
CA THR A 58 5.88 23.44 24.77
C THR A 58 6.28 21.95 24.90
N THR A 59 5.83 21.11 23.97
CA THR A 59 6.16 19.71 24.06
C THR A 59 7.38 19.40 23.18
N ALA A 60 8.40 18.78 23.76
CA ALA A 60 9.57 18.38 23.00
C ALA A 60 9.31 17.06 22.25
N THR A 61 9.80 16.96 21.01
CA THR A 61 9.84 15.67 20.30
C THR A 61 10.87 14.73 20.97
N LEU A 62 10.72 13.44 20.78
CA LEU A 62 11.60 12.47 21.44
C LEU A 62 12.57 11.90 20.42
N GLY A 63 12.11 11.77 19.17
CA GLY A 63 12.94 11.35 18.04
C GLY A 63 12.62 12.14 16.79
N ASP A 64 12.36 11.45 15.68
CA ASP A 64 12.08 12.15 14.43
C ASP A 64 10.59 12.21 14.06
N GLU A 65 9.71 12.11 15.06
CA GLU A 65 8.27 12.26 14.82
C GLU A 65 7.89 13.70 14.40
N PRO A 66 6.87 13.82 13.55
CA PRO A 66 6.39 15.14 13.10
C PRO A 66 5.69 15.87 14.24
N ARG A 67 5.85 17.18 14.28
CA ARG A 67 5.17 18.00 15.28
C ARG A 67 3.72 18.26 14.86
N LYS A 68 3.46 18.10 13.57
CA LYS A 68 2.20 18.44 12.97
C LYS A 68 1.91 17.46 11.84
N VAL A 69 0.66 17.02 11.73
CA VAL A 69 0.25 16.09 10.68
C VAL A 69 -1.08 16.53 10.11
N LEU A 70 -1.39 16.00 8.93
CA LEU A 70 -2.69 16.19 8.33
C LEU A 70 -3.53 14.94 8.52
N LEU A 71 -4.72 15.14 9.08
CA LEU A 71 -5.68 14.07 9.18
C LEU A 71 -6.68 14.26 8.06
N ARG A 72 -6.82 13.23 7.21
CA ARG A 72 -7.81 13.18 6.12
C ARG A 72 -8.89 12.17 6.48
N LEU A 73 -10.15 12.62 6.56
CA LEU A 73 -11.26 11.72 6.86
C LEU A 73 -12.18 11.58 5.64
N TYR A 74 -12.42 10.33 5.21
CA TYR A 74 -13.14 10.07 3.97
C TYR A 74 -14.61 10.54 3.99
N GLY A 75 -15.30 10.31 5.11
CA GLY A 75 -16.72 10.69 5.23
C GLY A 75 -17.62 9.82 4.36
N ALA A 76 -18.47 10.47 3.57
CA ALA A 76 -19.39 9.74 2.68
C ALA A 76 -18.85 9.62 1.26
N GLU A 101 -12.34 -2.14 -4.10
CA GLU A 101 -11.00 -2.19 -4.68
C GLU A 101 -10.34 -0.81 -4.75
N ALA A 102 -11.15 0.24 -4.92
CA ALA A 102 -10.65 1.60 -5.04
C ALA A 102 -9.87 2.06 -3.82
N MET A 103 -10.32 1.69 -2.62
CA MET A 103 -9.57 2.02 -1.41
C MET A 103 -8.21 1.33 -1.40
N VAL A 104 -8.19 0.04 -1.73
CA VAL A 104 -6.92 -0.73 -1.84
C VAL A 104 -5.92 -0.05 -2.80
N LEU A 105 -6.38 0.32 -3.99
CA LEU A 105 -5.49 0.91 -5.00
C LEU A 105 -4.97 2.27 -4.55
N GLU A 106 -5.90 3.12 -4.13
CA GLU A 106 -5.59 4.47 -3.67
C GLU A 106 -4.57 4.44 -2.50
N SER A 107 -4.80 3.52 -1.56
CA SER A 107 -3.92 3.36 -0.40
C SER A 107 -2.51 2.92 -0.78
N VAL A 108 -2.41 1.86 -1.60
CA VAL A 108 -1.12 1.33 -2.06
C VAL A 108 -0.35 2.40 -2.86
N MET A 109 -1.07 3.07 -3.75
CA MET A 109 -0.52 4.15 -4.54
C MET A 109 0.06 5.28 -3.69
N PHE A 110 -0.71 5.75 -2.70
CA PHE A 110 -0.22 6.77 -1.77
C PHE A 110 1.04 6.31 -1.02
N ALA A 111 1.04 5.06 -0.55
CA ALA A 111 2.19 4.57 0.21
C ALA A 111 3.46 4.49 -0.65
N ILE A 112 3.31 4.07 -1.90
CA ILE A 112 4.44 3.96 -2.81
C ILE A 112 4.99 5.35 -3.13
N LEU A 113 4.11 6.29 -3.45
CA LEU A 113 4.57 7.67 -3.71
C LEU A 113 5.30 8.28 -2.52
N ALA A 114 4.83 7.97 -1.31
CA ALA A 114 5.52 8.42 -0.10
C ALA A 114 6.92 7.82 0.01
N GLU A 115 7.04 6.52 -0.24
CA GLU A 115 8.35 5.87 -0.16
C GLU A 115 9.32 6.45 -1.16
N ARG A 116 8.82 6.87 -2.31
CA ARG A 116 9.64 7.41 -3.39
C ARG A 116 9.79 8.94 -3.28
N SER A 117 9.27 9.52 -2.19
CA SER A 117 9.35 10.97 -1.95
C SER A 117 8.69 11.82 -3.04
N LEU A 118 7.64 11.30 -3.65
CA LEU A 118 6.93 12.04 -4.65
C LEU A 118 5.59 12.51 -4.10
N GLY A 119 5.37 12.26 -2.82
CA GLY A 119 4.14 12.67 -2.18
C GLY A 119 4.37 12.79 -0.69
N PRO A 120 3.35 13.27 0.02
CA PRO A 120 3.41 13.35 1.48
C PRO A 120 3.69 11.97 2.12
N LYS A 121 4.49 11.93 3.18
CA LYS A 121 4.67 10.70 3.93
C LYS A 121 3.34 10.21 4.47
N LEU A 122 3.22 8.89 4.61
CA LEU A 122 2.05 8.25 5.16
C LEU A 122 2.33 7.79 6.59
N TYR A 123 1.65 8.39 7.55
CA TYR A 123 1.91 8.08 8.97
C TYR A 123 0.92 7.10 9.55
N GLY A 124 -0.27 7.02 8.97
CA GLY A 124 -1.28 6.12 9.53
C GLY A 124 -2.37 5.84 8.53
N ILE A 125 -2.91 4.63 8.57
CA ILE A 125 -4.03 4.28 7.69
C ILE A 125 -5.02 3.41 8.45
N PHE A 126 -6.29 3.75 8.34
CA PHE A 126 -7.34 3.11 9.13
C PHE A 126 -8.64 3.26 8.33
N PRO A 127 -9.69 2.50 8.70
CA PRO A 127 -10.85 2.48 7.80
C PRO A 127 -11.45 3.85 7.50
N GLN A 128 -11.38 4.77 8.45
CA GLN A 128 -12.00 6.11 8.34
C GLN A 128 -11.16 7.20 7.66
N GLY A 129 -9.84 6.96 7.55
CA GLY A 129 -8.96 7.96 6.96
C GLY A 129 -7.49 7.62 6.99
N ARG A 130 -6.66 8.65 6.93
CA ARG A 130 -5.20 8.55 6.82
C ARG A 130 -4.63 9.66 7.66
N LEU A 131 -3.44 9.44 8.21
CA LEU A 131 -2.61 10.52 8.74
C LEU A 131 -1.45 10.73 7.77
N GLU A 132 -1.30 11.96 7.29
CA GLU A 132 -0.28 12.28 6.30
C GLU A 132 0.69 13.33 6.84
N GLN A 133 1.88 13.38 6.26
CA GLN A 133 2.78 14.48 6.48
C GLN A 133 2.04 15.79 6.16
N PHE A 134 2.19 16.77 7.04
CA PHE A 134 1.69 18.12 6.78
C PHE A 134 2.80 18.88 6.06
N ILE A 135 2.51 19.33 4.85
CA ILE A 135 3.48 20.01 4.00
C ILE A 135 3.20 21.52 4.05
N PRO A 136 4.07 22.31 4.71
CA PRO A 136 3.91 23.78 4.71
C PRO A 136 3.97 24.36 3.29
N SER A 137 2.88 24.97 2.85
CA SER A 137 2.69 25.28 1.44
C SER A 137 1.37 26.00 1.23
N ARG A 138 1.13 26.40 -0.01
CA ARG A 138 -0.20 26.74 -0.47
C ARG A 138 -0.39 26.12 -1.85
N ARG A 139 -1.64 26.04 -2.27
CA ARG A 139 -1.97 25.64 -3.64
C ARG A 139 -1.61 26.76 -4.59
N LEU A 140 -1.24 26.41 -5.82
CA LEU A 140 -1.13 27.40 -6.89
C LEU A 140 -2.50 27.96 -7.27
N ASP A 141 -2.52 29.20 -7.76
CA ASP A 141 -3.70 29.77 -8.37
C ASP A 141 -3.60 29.54 -9.87
N THR A 142 -4.75 29.59 -10.54
CA THR A 142 -4.83 29.40 -11.99
C THR A 142 -3.83 30.27 -12.77
N GLU A 143 -3.75 31.55 -12.42
CA GLU A 143 -2.89 32.51 -13.13
C GLU A 143 -1.41 32.12 -13.07
N GLU A 144 -1.04 31.34 -12.04
CA GLU A 144 0.36 30.96 -11.88
C GLU A 144 0.82 29.83 -12.81
N LEU A 145 -0.13 29.06 -13.34
CA LEU A 145 0.18 27.96 -14.25
C LEU A 145 1.01 28.40 -15.46
N SER A 146 0.80 29.63 -15.91
CA SER A 146 1.46 30.18 -17.09
C SER A 146 2.83 30.80 -16.82
N LEU A 147 3.21 30.98 -15.55
CA LEU A 147 4.56 31.46 -15.23
C LEU A 147 5.60 30.47 -15.75
N PRO A 148 6.58 30.96 -16.54
CA PRO A 148 7.54 30.08 -17.24
C PRO A 148 8.20 29.05 -16.33
N ASP A 149 8.64 29.47 -15.15
CA ASP A 149 9.31 28.55 -14.22
C ASP A 149 8.36 27.54 -13.58
N ILE A 150 7.12 27.96 -13.33
CA ILE A 150 6.13 27.07 -12.74
C ILE A 150 5.84 25.99 -13.78
N SER A 151 5.51 26.42 -15.00
CA SER A 151 5.10 25.51 -16.08
C SER A 151 6.19 24.47 -16.38
N ALA A 152 7.43 24.93 -16.40
CA ALA A 152 8.58 24.06 -16.65
C ALA A 152 8.72 23.00 -15.56
N GLU A 153 8.51 23.37 -14.30
CA GLU A 153 8.65 22.38 -13.23
C GLU A 153 7.50 21.36 -13.26
N ILE A 154 6.29 21.85 -13.54
CA ILE A 154 5.13 20.96 -13.67
C ILE A 154 5.42 19.95 -14.77
N ALA A 155 5.93 20.43 -15.90
CA ALA A 155 6.34 19.55 -17.00
C ALA A 155 7.33 18.49 -16.54
N GLU A 156 8.33 18.90 -15.76
CA GLU A 156 9.34 17.98 -15.26
C GLU A 156 8.76 17.00 -14.27
N LYS A 157 7.93 17.49 -13.35
CA LYS A 157 7.25 16.63 -12.37
C LYS A 157 6.35 15.59 -13.06
N MET A 158 5.63 16.03 -14.09
CA MET A 158 4.73 15.14 -14.81
C MET A 158 5.53 14.08 -15.56
N ALA A 159 6.62 14.48 -16.21
CA ALA A 159 7.47 13.52 -16.92
C ALA A 159 8.01 12.45 -15.96
N THR A 160 8.34 12.86 -14.74
CA THR A 160 8.79 11.91 -13.70
C THR A 160 7.68 10.94 -13.32
N PHE A 161 6.53 11.49 -12.93
CA PHE A 161 5.29 10.75 -12.68
C PHE A 161 5.05 9.72 -13.82
N HIS A 162 5.19 10.16 -15.08
CA HIS A 162 4.89 9.31 -16.23
C HIS A 162 5.89 8.19 -16.42
N GLY A 163 7.09 8.36 -15.88
CA GLY A 163 8.19 7.41 -16.15
C GLY A 163 8.25 6.20 -15.24
N MET A 164 7.62 6.28 -14.09
CA MET A 164 7.76 5.24 -13.08
C MET A 164 6.78 4.07 -13.19
N LYS A 165 7.19 2.96 -12.58
CA LYS A 165 6.43 1.72 -12.61
C LYS A 165 5.46 1.70 -11.44
N MET A 166 4.23 1.28 -11.70
CA MET A 166 3.22 1.14 -10.65
C MET A 166 2.49 -0.19 -10.85
N PRO A 167 2.08 -0.84 -9.76
CA PRO A 167 1.61 -2.23 -9.88
C PRO A 167 0.14 -2.28 -10.30
N PHE A 168 -0.20 -1.51 -11.32
CA PHE A 168 -1.59 -1.38 -11.75
C PHE A 168 -1.74 -1.80 -13.20
N ASN A 169 -2.98 -2.03 -13.61
CA ASN A 169 -3.29 -2.53 -14.93
C ASN A 169 -2.75 -1.59 -15.99
N LYS A 170 -1.96 -2.12 -16.91
CA LYS A 170 -1.29 -1.27 -17.89
C LYS A 170 -2.11 -1.03 -19.16
N GLU A 171 -3.27 -1.66 -19.25
CA GLU A 171 -4.16 -1.43 -20.40
C GLU A 171 -4.88 -0.09 -20.28
N PRO A 172 -4.83 0.73 -21.35
CA PRO A 172 -5.38 2.09 -21.29
C PRO A 172 -6.92 2.15 -21.44
N LYS A 173 -7.64 1.36 -20.65
CA LYS A 173 -9.10 1.35 -20.70
C LYS A 173 -9.76 2.45 -19.85
N TRP A 174 -8.98 3.16 -19.04
CA TRP A 174 -9.54 4.18 -18.14
C TRP A 174 -10.30 5.26 -18.87
N LEU A 175 -9.76 5.76 -19.96
CA LEU A 175 -10.29 6.98 -20.60
C LEU A 175 -11.68 6.76 -21.19
N PHE A 176 -11.78 5.84 -22.14
CA PHE A 176 -13.08 5.54 -22.74
C PHE A 176 -14.00 4.71 -21.85
N GLY A 177 -13.42 3.88 -20.99
CA GLY A 177 -14.21 3.12 -20.00
C GLY A 177 -14.94 4.11 -19.08
N THR A 178 -14.23 5.14 -18.62
CA THR A 178 -14.84 6.17 -17.76
C THR A 178 -15.85 7.00 -18.55
N MET A 179 -15.50 7.42 -19.76
CA MET A 179 -16.41 8.24 -20.56
C MET A 179 -17.73 7.49 -20.86
N GLU A 180 -17.61 6.22 -21.20
CA GLU A 180 -18.80 5.38 -21.45
C GLU A 180 -19.69 5.25 -20.22
N LYS A 181 -19.06 5.00 -19.06
CA LYS A 181 -19.71 4.89 -17.77
C LYS A 181 -20.54 6.15 -17.46
N TYR A 182 -19.93 7.32 -17.61
CA TYR A 182 -20.66 8.57 -17.35
C TYR A 182 -21.77 8.80 -18.37
N LEU A 183 -21.50 8.51 -19.65
CA LEU A 183 -22.51 8.72 -20.70
C LEU A 183 -23.75 7.86 -20.45
N LYS A 184 -23.53 6.60 -20.08
CA LYS A 184 -24.60 5.66 -19.74
C LYS A 184 -25.46 6.21 -18.58
N GLU A 185 -24.81 6.79 -17.57
CA GLU A 185 -25.51 7.41 -16.45
C GLU A 185 -26.26 8.69 -16.86
N VAL A 186 -25.58 9.54 -17.63
CA VAL A 186 -26.13 10.82 -18.11
C VAL A 186 -27.44 10.60 -18.89
N LEU A 187 -27.48 9.57 -19.72
CA LEU A 187 -28.66 9.22 -20.51
C LEU A 187 -29.86 8.76 -19.67
N ARG A 188 -29.61 8.39 -18.42
CA ARG A 188 -30.65 7.90 -17.51
C ARG A 188 -31.18 9.00 -16.60
N ILE A 189 -30.48 10.13 -16.58
CA ILE A 189 -30.77 11.20 -15.62
C ILE A 189 -32.10 11.90 -15.86
N LYS A 190 -32.88 12.03 -14.79
CA LYS A 190 -34.15 12.77 -14.82
C LYS A 190 -34.12 13.87 -13.74
N PHE A 191 -33.97 15.12 -14.18
CA PHE A 191 -34.02 16.27 -13.29
C PHE A 191 -35.44 16.79 -13.08
N THR A 192 -35.70 17.41 -11.93
CA THR A 192 -37.02 17.98 -11.64
C THR A 192 -37.00 19.50 -11.57
N GLU A 193 -35.82 20.08 -11.34
CA GLU A 193 -35.70 21.53 -11.20
C GLU A 193 -35.53 22.17 -12.58
N GLU A 194 -36.26 23.26 -12.82
CA GLU A 194 -36.37 23.88 -14.14
C GLU A 194 -35.04 24.24 -14.82
N SER A 195 -34.11 24.85 -14.07
CA SER A 195 -32.83 25.26 -14.67
C SER A 195 -32.02 24.04 -15.15
N ARG A 196 -31.97 22.98 -14.32
CA ARG A 196 -31.22 21.77 -14.67
C ARG A 196 -31.84 21.08 -15.88
N ILE A 197 -33.17 21.07 -15.91
CA ILE A 197 -33.94 20.49 -17.01
C ILE A 197 -33.56 21.13 -18.34
N LYS A 198 -33.60 22.46 -18.40
CA LYS A 198 -33.32 23.23 -19.63
C LYS A 198 -31.86 23.03 -20.08
N LYS A 199 -30.94 23.07 -19.10
CA LYS A 199 -29.51 22.86 -19.36
C LYS A 199 -29.21 21.48 -19.89
N LEU A 200 -29.79 20.44 -19.30
CA LEU A 200 -29.56 19.08 -19.76
C LEU A 200 -30.11 18.87 -21.17
N HIS A 201 -31.27 19.48 -21.45
CA HIS A 201 -31.81 19.48 -22.79
C HIS A 201 -30.83 19.98 -23.82
N LYS A 202 -30.15 21.09 -23.50
CA LYS A 202 -29.24 21.73 -24.46
C LYS A 202 -28.01 20.87 -24.71
N LEU A 203 -27.47 20.29 -23.64
CA LEU A 203 -26.31 19.40 -23.72
C LEU A 203 -26.65 18.10 -24.46
N LEU A 204 -27.81 17.52 -24.17
CA LEU A 204 -28.29 16.33 -24.90
C LEU A 204 -28.46 16.55 -26.39
N SER A 205 -28.72 17.80 -26.79
CA SER A 205 -29.01 18.12 -28.21
C SER A 205 -27.81 17.94 -29.14
N TYR A 206 -26.61 17.77 -28.57
CA TYR A 206 -25.41 17.52 -29.36
C TYR A 206 -25.28 16.08 -29.90
N ASN A 207 -26.13 15.17 -29.41
CA ASN A 207 -26.01 13.72 -29.70
C ASN A 207 -24.67 13.21 -29.18
N LEU A 208 -24.62 13.08 -27.86
CA LEU A 208 -23.39 12.70 -27.18
C LEU A 208 -22.88 11.30 -27.53
N PRO A 209 -23.80 10.31 -27.72
CA PRO A 209 -23.27 8.99 -28.10
C PRO A 209 -22.53 9.02 -29.43
N LEU A 210 -23.08 9.74 -30.40
CA LEU A 210 -22.42 9.93 -31.68
C LEU A 210 -21.14 10.73 -31.54
N GLU A 211 -21.17 11.77 -30.72
CA GLU A 211 -19.97 12.58 -30.52
C GLU A 211 -18.85 11.77 -29.87
N LEU A 212 -19.21 10.92 -28.92
CA LEU A 212 -18.22 10.04 -28.27
C LEU A 212 -17.57 9.10 -29.28
N GLU A 213 -18.36 8.58 -30.20
CA GLU A 213 -17.87 7.75 -31.31
C GLU A 213 -16.90 8.50 -32.23
N ASN A 214 -17.27 9.73 -32.60
CA ASN A 214 -16.38 10.57 -33.40
CA ASN A 214 -16.41 10.62 -33.37
C ASN A 214 -15.07 10.85 -32.65
N LEU A 215 -15.15 11.10 -31.34
CA LEU A 215 -13.96 11.37 -30.56
C LEU A 215 -13.08 10.13 -30.53
N ARG A 216 -13.73 8.97 -30.34
CA ARG A 216 -13.04 7.69 -30.27
CA ARG A 216 -13.05 7.69 -30.28
C ARG A 216 -12.24 7.45 -31.55
N SER A 217 -12.87 7.71 -32.70
CA SER A 217 -12.19 7.54 -33.97
C SER A 217 -10.98 8.46 -34.08
N LEU A 218 -11.16 9.74 -33.77
CA LEU A 218 -10.06 10.69 -33.80
C LEU A 218 -8.88 10.23 -32.94
N LEU A 219 -9.16 9.82 -31.70
CA LEU A 219 -8.08 9.45 -30.78
C LEU A 219 -7.41 8.12 -31.15
N GLU A 220 -8.19 7.23 -31.78
CA GLU A 220 -7.66 5.96 -32.31
C GLU A 220 -6.53 6.20 -33.31
N SER A 221 -6.63 7.29 -34.07
CA SER A 221 -5.62 7.63 -35.06
C SER A 221 -4.59 8.65 -34.53
N THR A 222 -4.53 8.82 -33.20
CA THR A 222 -3.60 9.74 -32.60
C THR A 222 -2.69 8.97 -31.63
N PRO A 223 -1.49 8.58 -32.09
CA PRO A 223 -0.56 7.83 -31.25
C PRO A 223 -0.16 8.60 -29.98
N SER A 224 -0.20 7.92 -28.85
CA SER A 224 0.19 8.52 -27.56
C SER A 224 0.58 7.38 -26.63
N PRO A 225 1.80 7.43 -26.07
CA PRO A 225 2.27 6.37 -25.19
C PRO A 225 1.42 6.24 -23.93
N VAL A 226 1.25 5.01 -23.45
CA VAL A 226 0.48 4.75 -22.25
C VAL A 226 1.44 4.84 -21.08
N VAL A 227 1.12 5.70 -20.11
CA VAL A 227 2.01 5.96 -18.97
C VAL A 227 1.16 6.09 -17.71
N PHE A 228 1.81 6.13 -16.55
CA PHE A 228 1.07 6.37 -15.31
C PHE A 228 0.73 7.84 -15.20
N CYS A 229 -0.56 8.16 -15.37
CA CYS A 229 -1.06 9.55 -15.40
C CYS A 229 -1.69 9.95 -14.10
N HIS A 230 -1.57 11.23 -13.76
CA HIS A 230 -2.24 11.82 -12.61
C HIS A 230 -3.72 11.95 -12.89
N ASN A 231 -4.03 12.44 -14.09
CA ASN A 231 -5.41 12.58 -14.63
C ASN A 231 -6.22 13.77 -14.13
N ASP A 232 -5.64 14.55 -13.22
CA ASP A 232 -6.31 15.71 -12.64
C ASP A 232 -5.26 16.78 -12.25
N CYS A 233 -4.34 17.04 -13.17
CA CYS A 233 -3.27 17.97 -12.84
C CYS A 233 -3.75 19.43 -13.01
N GLN A 234 -4.49 19.88 -12.01
CA GLN A 234 -5.04 21.22 -11.94
C GLN A 234 -4.28 21.96 -10.84
N GLU A 235 -4.35 23.30 -10.87
CA GLU A 235 -3.62 24.14 -9.90
C GLU A 235 -3.89 23.78 -8.42
N GLY A 236 -5.12 23.40 -8.09
CA GLY A 236 -5.48 23.02 -6.71
C GLY A 236 -4.81 21.75 -6.22
N ASN A 237 -4.22 20.98 -7.13
CA ASN A 237 -3.49 19.73 -6.80
C ASN A 237 -1.99 19.90 -6.94
N ILE A 238 -1.54 21.15 -6.91
CA ILE A 238 -0.12 21.46 -6.96
C ILE A 238 0.23 22.35 -5.79
N LEU A 239 1.15 21.89 -4.96
CA LEU A 239 1.59 22.67 -3.81
C LEU A 239 2.84 23.49 -4.11
N LEU A 240 2.79 24.77 -3.76
CA LEU A 240 3.97 25.62 -3.80
C LEU A 240 4.60 25.54 -2.41
N LEU A 241 5.80 24.97 -2.33
CA LEU A 241 6.43 24.64 -1.07
C LEU A 241 6.97 25.88 -0.35
N GLU A 242 6.57 26.03 0.90
CA GLU A 242 6.97 27.19 1.70
C GLU A 242 8.48 27.22 1.87
N GLY A 243 9.04 28.44 1.82
CA GLY A 243 10.48 28.65 2.04
C GLY A 243 11.32 28.33 0.82
N ARG A 244 10.71 28.34 -0.35
CA ARG A 244 11.41 27.92 -1.56
C ARG A 244 11.03 28.69 -2.82
N GLU A 245 10.78 29.99 -2.65
CA GLU A 245 10.51 30.88 -3.78
C GLU A 245 11.77 31.08 -4.61
N ASN A 246 12.92 30.97 -3.96
CA ASN A 246 14.23 31.09 -4.60
C ASN A 246 14.51 29.96 -5.58
N SER A 247 14.04 28.77 -5.25
CA SER A 247 14.27 27.57 -6.05
C SER A 247 13.57 27.64 -7.41
N GLU A 248 14.38 27.81 -8.44
CA GLU A 248 13.91 27.86 -9.83
C GLU A 248 13.20 26.56 -10.26
N LYS A 249 13.79 25.42 -9.90
CA LYS A 249 13.38 24.10 -10.44
C LYS A 249 12.77 23.12 -9.43
N GLN A 250 12.85 23.44 -8.13
CA GLN A 250 12.47 22.49 -7.06
C GLN A 250 11.49 23.07 -6.04
N LYS A 251 10.43 23.73 -6.50
CA LYS A 251 9.50 24.36 -5.56
C LYS A 251 8.07 23.81 -5.48
N LEU A 252 7.79 22.72 -6.22
CA LEU A 252 6.43 22.14 -6.28
C LEU A 252 6.33 20.68 -5.86
N MET A 253 5.11 20.29 -5.45
CA MET A 253 4.72 18.90 -5.23
C MET A 253 3.31 18.72 -5.79
N LEU A 254 3.14 17.72 -6.67
CA LEU A 254 1.83 17.31 -7.15
C LEU A 254 1.20 16.39 -6.11
N ILE A 255 -0.06 16.63 -5.78
CA ILE A 255 -0.81 15.82 -4.82
C ILE A 255 -2.17 15.37 -5.37
N ASP A 256 -2.94 14.64 -4.54
CA ASP A 256 -4.31 14.26 -4.87
C ASP A 256 -4.36 13.32 -6.10
N PHE A 257 -3.88 12.11 -5.89
CA PHE A 257 -3.75 11.13 -6.95
C PHE A 257 -4.94 10.20 -7.11
N GLU A 258 -6.10 10.62 -6.63
CA GLU A 258 -7.30 9.79 -6.60
C GLU A 258 -7.76 9.28 -7.98
N TYR A 259 -7.58 10.07 -9.04
CA TYR A 259 -7.98 9.68 -10.39
C TYR A 259 -6.88 8.94 -11.15
N SER A 260 -5.70 8.80 -10.55
CA SER A 260 -4.51 8.34 -11.28
C SER A 260 -4.67 6.91 -11.82
N SER A 261 -4.14 6.65 -13.01
CA SER A 261 -4.27 5.36 -13.66
C SER A 261 -3.33 5.32 -14.84
N TYR A 262 -3.06 4.14 -15.37
CA TYR A 262 -2.37 4.08 -16.67
C TYR A 262 -3.32 4.64 -17.74
N ASN A 263 -2.81 5.56 -18.57
CA ASN A 263 -3.67 6.32 -19.48
C ASN A 263 -2.76 6.90 -20.56
N TYR A 264 -3.35 7.46 -21.62
CA TYR A 264 -2.56 8.10 -22.68
C TYR A 264 -1.92 9.36 -22.16
N ARG A 265 -0.61 9.46 -22.36
CA ARG A 265 0.16 10.63 -21.98
C ARG A 265 -0.51 11.93 -22.45
N GLY A 266 -1.08 11.88 -23.64
CA GLY A 266 -1.73 13.06 -24.23
C GLY A 266 -2.85 13.60 -23.34
N PHE A 267 -3.56 12.70 -22.65
CA PHE A 267 -4.66 13.10 -21.77
C PHE A 267 -4.13 13.93 -20.61
N ASP A 268 -3.03 13.48 -19.99
CA ASP A 268 -2.52 14.18 -18.80
C ASP A 268 -2.10 15.62 -19.17
N ILE A 269 -1.42 15.76 -20.30
CA ILE A 269 -0.90 17.06 -20.70
C ILE A 269 -2.04 17.94 -21.21
N GLY A 270 -2.88 17.36 -22.07
CA GLY A 270 -4.03 18.07 -22.63
C GLY A 270 -4.96 18.54 -21.52
N ASN A 271 -5.23 17.67 -20.56
CA ASN A 271 -6.03 18.06 -19.38
C ASN A 271 -5.38 19.21 -18.62
N HIS A 272 -4.07 19.13 -18.41
CA HIS A 272 -3.39 20.24 -17.75
C HIS A 272 -3.54 21.56 -18.50
N PHE A 273 -3.40 21.53 -19.83
CA PHE A 273 -3.58 22.74 -20.63
C PHE A 273 -5.00 23.31 -20.50
N CYS A 274 -6.00 22.42 -20.52
CA CYS A 274 -7.39 22.85 -20.30
C CYS A 274 -7.56 23.59 -18.98
N GLU A 275 -6.88 23.13 -17.93
CA GLU A 275 -6.97 23.74 -16.63
C GLU A 275 -6.49 25.20 -16.58
N TRP A 276 -5.70 25.65 -17.55
CA TRP A 276 -5.37 27.08 -17.62
C TRP A 276 -6.59 27.94 -17.72
N MET A 277 -7.67 27.39 -18.27
CA MET A 277 -8.88 28.14 -18.57
C MET A 277 -9.91 28.18 -17.42
N TYR A 278 -9.70 27.40 -16.37
CA TYR A 278 -10.73 27.27 -15.32
C TYR A 278 -10.19 27.72 -13.98
N ASP A 279 -10.92 28.63 -13.35
CA ASP A 279 -10.55 29.12 -12.03
C ASP A 279 -11.65 28.74 -11.07
N TYR A 280 -11.31 27.90 -10.11
CA TYR A 280 -12.31 27.33 -9.19
C TYR A 280 -12.41 28.10 -7.86
N SER A 281 -11.67 29.19 -7.74
CA SER A 281 -11.61 29.96 -6.49
C SER A 281 -12.62 31.11 -6.51
N TYR A 282 -13.25 31.29 -7.67
CA TYR A 282 -14.29 32.29 -7.88
C TYR A 282 -15.41 32.14 -6.84
N GLU A 283 -15.77 33.26 -6.21
CA GLU A 283 -16.51 33.25 -4.94
C GLU A 283 -18.05 33.27 -5.04
N LYS A 284 -18.59 33.61 -6.20
CA LYS A 284 -20.04 33.58 -6.39
C LYS A 284 -20.44 32.46 -7.35
N TYR A 285 -21.72 32.07 -7.31
CA TYR A 285 -22.28 31.07 -8.23
C TYR A 285 -21.93 31.43 -9.69
N PRO A 286 -21.57 30.43 -10.53
CA PRO A 286 -21.53 28.98 -10.30
C PRO A 286 -20.25 28.45 -9.63
N PHE A 287 -19.46 29.35 -9.05
CA PHE A 287 -18.27 29.02 -8.27
C PHE A 287 -17.09 28.57 -9.13
N PHE A 288 -17.07 29.03 -10.37
CA PHE A 288 -15.90 28.93 -11.25
C PHE A 288 -16.00 30.03 -12.30
N ARG A 289 -14.86 30.35 -12.89
CA ARG A 289 -14.81 31.24 -14.04
C ARG A 289 -14.11 30.46 -15.15
N ALA A 290 -14.69 30.50 -16.35
CA ALA A 290 -14.07 29.90 -17.54
C ALA A 290 -13.67 31.02 -18.50
N ASN A 291 -12.45 30.95 -19.02
CA ASN A 291 -11.97 31.91 -20.02
C ASN A 291 -11.22 31.17 -21.12
N ILE A 292 -11.86 31.03 -22.28
CA ILE A 292 -11.29 30.28 -23.41
C ILE A 292 -9.95 30.87 -23.90
N ARG A 293 -9.75 32.17 -23.72
CA ARG A 293 -8.56 32.80 -24.25
C ARG A 293 -7.36 32.58 -23.35
N LYS A 294 -7.57 31.94 -22.20
CA LYS A 294 -6.46 31.63 -21.30
C LYS A 294 -5.79 30.30 -21.62
N TYR A 295 -6.29 29.57 -22.61
CA TYR A 295 -5.63 28.32 -23.03
C TYR A 295 -4.21 28.72 -23.44
N PRO A 296 -3.20 27.88 -23.14
CA PRO A 296 -1.84 28.27 -23.50
C PRO A 296 -1.66 28.51 -25.01
N THR A 297 -0.87 29.54 -25.35
CA THR A 297 -0.54 29.79 -26.75
C THR A 297 0.45 28.73 -27.23
N LYS A 298 0.68 28.69 -28.54
CA LYS A 298 1.68 27.76 -29.09
C LYS A 298 3.05 27.90 -28.41
N LYS A 299 3.47 29.14 -28.15
CA LYS A 299 4.74 29.38 -27.44
C LYS A 299 4.68 28.77 -26.04
N GLN A 300 3.58 29.00 -25.34
CA GLN A 300 3.42 28.49 -23.96
C GLN A 300 3.41 26.95 -23.95
N GLN A 301 2.70 26.36 -24.92
CA GLN A 301 2.65 24.91 -25.09
C GLN A 301 4.01 24.33 -25.39
N LEU A 302 4.76 24.97 -26.30
CA LEU A 302 6.11 24.50 -26.62
C LEU A 302 7.07 24.63 -25.45
N HIS A 303 6.88 25.64 -24.62
CA HIS A 303 7.74 25.76 -23.46
C HIS A 303 7.50 24.60 -22.50
N PHE A 304 6.23 24.24 -22.31
CA PHE A 304 5.90 23.08 -21.47
C PHE A 304 6.52 21.80 -22.03
N ILE A 305 6.26 21.49 -23.31
CA ILE A 305 6.76 20.22 -23.87
C ILE A 305 8.30 20.20 -24.02
N SER A 306 8.92 21.38 -24.18
CA SER A 306 10.38 21.50 -24.23
C SER A 306 11.03 21.13 -22.92
N SER A 307 10.32 21.34 -21.82
CA SER A 307 10.78 20.92 -20.51
C SER A 307 10.41 19.45 -20.24
N TYR A 308 9.22 19.04 -20.67
CA TYR A 308 8.79 17.64 -20.51
C TYR A 308 9.69 16.61 -21.20
N LEU A 309 9.98 16.84 -22.49
CA LEU A 309 10.66 15.82 -23.30
C LEU A 309 12.04 15.38 -22.80
N PRO A 310 12.93 16.33 -22.41
CA PRO A 310 14.23 15.94 -21.83
C PRO A 310 14.09 15.19 -20.50
N ALA A 311 13.09 15.55 -19.70
CA ALA A 311 12.85 14.88 -18.43
C ALA A 311 12.28 13.48 -18.63
N PHE A 312 11.57 13.27 -19.74
CA PHE A 312 10.96 11.97 -20.02
C PHE A 312 11.84 11.02 -20.83
N GLN A 313 12.67 11.56 -21.74
CA GLN A 313 13.48 10.73 -22.61
C GLN A 313 14.97 10.66 -22.22
N ASN A 314 15.47 11.72 -21.59
CA ASN A 314 16.82 11.75 -20.95
C ASN A 314 18.00 12.17 -21.83
N ASP A 315 17.98 11.74 -23.09
CA ASP A 315 19.03 12.05 -24.06
C ASP A 315 18.43 12.86 -25.21
N PHE A 316 17.15 13.20 -25.07
CA PHE A 316 16.38 13.89 -26.09
C PHE A 316 17.13 15.04 -26.77
N GLU A 317 17.85 15.83 -25.98
CA GLU A 317 18.55 17.00 -26.52
C GLU A 317 19.72 16.65 -27.45
N ASN A 318 20.13 15.38 -27.45
CA ASN A 318 21.16 14.89 -28.38
C ASN A 318 20.64 14.45 -29.74
N LEU A 319 19.33 14.56 -29.95
CA LEU A 319 18.74 14.27 -31.27
C LEU A 319 18.94 15.44 -32.24
N SER A 320 18.84 15.19 -33.53
CA SER A 320 18.96 16.27 -34.52
C SER A 320 17.80 17.27 -34.37
N THR A 321 18.07 18.53 -34.69
CA THR A 321 17.05 19.58 -34.64
C THR A 321 15.84 19.20 -35.51
N GLU A 322 16.12 18.56 -36.64
CA GLU A 322 15.11 17.95 -37.51
C GLU A 322 14.18 17.00 -36.73
N GLU A 323 14.77 16.04 -36.01
CA GLU A 323 13.98 15.03 -35.30
C GLU A 323 13.28 15.63 -34.09
N LYS A 324 13.99 16.50 -33.36
CA LYS A 324 13.42 17.18 -32.18
C LYS A 324 12.17 17.97 -32.55
N SER A 325 12.25 18.71 -33.65
CA SER A 325 11.12 19.51 -34.07
C SER A 325 9.92 18.66 -34.54
N ILE A 326 10.18 17.58 -35.27
CA ILE A 326 9.13 16.63 -35.67
C ILE A 326 8.45 16.03 -34.42
N ILE A 327 9.23 15.63 -33.44
CA ILE A 327 8.66 15.09 -32.19
C ILE A 327 7.80 16.14 -31.48
N LYS A 328 8.34 17.34 -31.33
CA LYS A 328 7.58 18.43 -30.72
C LYS A 328 6.29 18.80 -31.47
N GLU A 329 6.35 18.91 -32.80
CA GLU A 329 5.16 19.27 -33.57
C GLU A 329 4.07 18.22 -33.46
N GLU A 330 4.47 16.95 -33.53
CA GLU A 330 3.51 15.86 -33.39
C GLU A 330 2.94 15.82 -31.97
N MET A 331 3.78 16.12 -30.99
CA MET A 331 3.31 16.10 -29.60
C MET A 331 2.25 17.19 -29.35
N LEU A 332 2.45 18.37 -29.94
CA LEU A 332 1.44 19.44 -29.86
C LEU A 332 0.10 18.95 -30.40
N LEU A 333 0.14 18.29 -31.55
CA LEU A 333 -1.06 17.72 -32.16
C LEU A 333 -1.72 16.70 -31.22
N GLU A 334 -0.90 15.79 -30.69
CA GLU A 334 -1.34 14.76 -29.76
C GLU A 334 -2.10 15.35 -28.53
N VAL A 335 -1.47 16.29 -27.84
CA VAL A 335 -2.03 16.83 -26.60
C VAL A 335 -3.26 17.69 -26.85
N ASN A 336 -3.28 18.40 -27.97
CA ASN A 336 -4.44 19.20 -28.33
C ASN A 336 -5.65 18.38 -28.76
N ARG A 337 -5.43 17.25 -29.44
CA ARG A 337 -6.52 16.29 -29.66
C ARG A 337 -7.00 15.64 -28.37
N PHE A 338 -6.06 15.22 -27.52
CA PHE A 338 -6.46 14.65 -26.24
C PHE A 338 -7.14 15.66 -25.29
N ALA A 339 -6.89 16.96 -25.47
CA ALA A 339 -7.60 17.95 -24.69
C ALA A 339 -9.11 17.87 -24.98
N LEU A 340 -9.49 17.42 -26.18
CA LEU A 340 -10.91 17.18 -26.45
C LEU A 340 -11.52 16.17 -25.48
N ALA A 341 -10.77 15.10 -25.19
CA ALA A 341 -11.22 14.11 -24.22
C ALA A 341 -11.31 14.68 -22.78
N SER A 342 -10.44 15.65 -22.45
CA SER A 342 -10.56 16.33 -21.15
C SER A 342 -11.91 17.04 -21.06
N HIS A 343 -12.25 17.82 -22.07
CA HIS A 343 -13.56 18.49 -22.12
C HIS A 343 -14.70 17.52 -22.06
N PHE A 344 -14.66 16.49 -22.89
CA PHE A 344 -15.79 15.55 -22.99
C PHE A 344 -15.97 14.76 -21.69
N LEU A 345 -14.88 14.21 -21.17
CA LEU A 345 -14.94 13.43 -19.94
C LEU A 345 -15.41 14.26 -18.73
N TRP A 346 -14.79 15.41 -18.50
CA TRP A 346 -15.20 16.23 -17.35
C TRP A 346 -16.54 16.90 -17.53
N GLY A 347 -16.91 17.15 -18.77
CA GLY A 347 -18.27 17.59 -19.12
C GLY A 347 -19.31 16.59 -18.66
N LEU A 348 -19.15 15.32 -19.05
CA LEU A 348 -20.06 14.25 -18.63
C LEU A 348 -20.05 14.05 -17.12
N TRP A 349 -18.85 14.06 -16.54
CA TRP A 349 -18.68 13.92 -15.08
C TRP A 349 -19.49 14.95 -14.36
N SER A 350 -19.44 16.18 -14.87
CA SER A 350 -20.11 17.30 -14.21
C SER A 350 -21.63 17.14 -14.25
N ILE A 351 -22.16 16.68 -15.37
CA ILE A 351 -23.60 16.37 -15.46
C ILE A 351 -23.98 15.37 -14.39
N VAL A 352 -23.23 14.26 -14.26
CA VAL A 352 -23.48 13.28 -13.19
C VAL A 352 -23.46 13.93 -11.80
N GLN A 353 -22.51 14.84 -11.57
CA GLN A 353 -22.38 15.49 -10.26
C GLN A 353 -23.59 16.40 -9.97
N ALA A 354 -24.17 16.98 -11.01
CA ALA A 354 -25.40 17.77 -10.87
C ALA A 354 -26.52 16.93 -10.24
N LYS A 355 -26.53 15.64 -10.54
CA LYS A 355 -27.50 14.72 -9.96
C LYS A 355 -27.09 14.25 -8.55
N ILE A 356 -25.81 13.88 -8.39
CA ILE A 356 -25.39 13.13 -7.19
C ILE A 356 -24.63 13.91 -6.11
N SER A 357 -24.02 15.03 -6.47
CA SER A 357 -23.14 15.73 -5.50
C SER A 357 -23.91 16.66 -4.56
N SER A 358 -23.40 16.77 -3.33
CA SER A 358 -23.95 17.70 -2.34
C SER A 358 -23.21 19.05 -2.34
N ILE A 359 -22.08 19.09 -3.04
CA ILE A 359 -21.20 20.27 -3.03
C ILE A 359 -21.84 21.46 -3.74
N GLU A 360 -21.63 22.65 -3.19
CA GLU A 360 -22.13 23.88 -3.78
C GLU A 360 -21.21 24.25 -4.93
N PHE A 361 -21.61 23.86 -6.13
CA PHE A 361 -20.86 24.15 -7.35
C PHE A 361 -21.87 24.14 -8.47
N GLY A 362 -21.69 25.03 -9.45
CA GLY A 362 -22.58 25.08 -10.61
C GLY A 362 -22.18 24.03 -11.64
N TYR A 363 -22.49 22.78 -11.35
CA TYR A 363 -22.13 21.63 -12.22
C TYR A 363 -22.69 21.66 -13.63
N MET A 364 -23.96 22.04 -13.75
CA MET A 364 -24.56 22.13 -15.09
C MET A 364 -23.92 23.27 -15.90
N ASP A 365 -23.68 24.41 -15.26
CA ASP A 365 -22.97 25.52 -15.93
C ASP A 365 -21.55 25.08 -16.33
N TYR A 366 -20.88 24.34 -15.45
CA TYR A 366 -19.53 23.85 -15.74
C TYR A 366 -19.51 22.87 -16.91
N ALA A 367 -20.49 21.97 -16.95
CA ALA A 367 -20.60 21.02 -18.05
C ALA A 367 -20.78 21.76 -19.36
N GLN A 368 -21.63 22.79 -19.36
CA GLN A 368 -21.82 23.59 -20.59
C GLN A 368 -20.52 24.30 -21.02
N ALA A 369 -19.75 24.76 -20.03
CA ALA A 369 -18.49 25.44 -20.35
C ALA A 369 -17.51 24.45 -20.99
N ARG A 370 -17.41 23.24 -20.42
CA ARG A 370 -16.54 22.21 -21.01
C ARG A 370 -16.97 21.84 -22.44
N PHE A 371 -18.26 21.63 -22.65
CA PHE A 371 -18.72 21.36 -24.02
C PHE A 371 -18.54 22.54 -24.97
N ASP A 372 -18.73 23.77 -24.50
CA ASP A 372 -18.41 24.97 -25.32
C ASP A 372 -16.95 24.95 -25.76
N ALA A 373 -16.06 24.65 -24.82
CA ALA A 373 -14.62 24.52 -25.12
C ALA A 373 -14.33 23.39 -26.10
N TYR A 374 -15.03 22.27 -25.95
CA TYR A 374 -14.89 21.12 -26.81
C TYR A 374 -15.12 21.48 -28.28
N PHE A 375 -16.28 22.10 -28.54
CA PHE A 375 -16.61 22.50 -29.91
C PHE A 375 -15.71 23.62 -30.42
N HIS A 376 -15.31 24.53 -29.55
CA HIS A 376 -14.33 25.55 -29.92
C HIS A 376 -13.01 24.90 -30.32
N GLN A 377 -12.54 23.98 -29.49
CA GLN A 377 -11.29 23.26 -29.79
C GLN A 377 -11.40 22.43 -31.06
N LYS A 378 -12.54 21.76 -31.27
CA LYS A 378 -12.81 21.07 -32.53
C LYS A 378 -12.67 22.02 -33.73
N ARG A 379 -13.23 23.22 -33.63
CA ARG A 379 -13.15 24.22 -34.71
C ARG A 379 -11.72 24.71 -34.98
N LYS A 380 -10.97 24.95 -33.91
CA LYS A 380 -9.59 25.38 -34.02
C LYS A 380 -8.72 24.31 -34.70
N LEU A 381 -8.96 23.06 -34.35
CA LEU A 381 -8.25 21.93 -34.92
C LEU A 381 -8.71 21.60 -36.35
N GLY A 382 -9.88 22.11 -36.73
CA GLY A 382 -10.48 21.74 -38.02
C GLY A 382 -10.85 20.26 -38.08
N VAL A 383 -11.35 19.73 -36.97
CA VAL A 383 -11.83 18.35 -36.88
C VAL A 383 -13.31 18.36 -36.50
N THR B 13 -9.07 -21.54 -13.35
CA THR B 13 -8.52 -20.26 -12.88
C THR B 13 -7.23 -19.91 -13.65
N ARG B 14 -6.81 -20.84 -14.51
CA ARG B 14 -5.75 -20.58 -15.46
C ARG B 14 -6.04 -19.33 -16.28
N ARG B 15 -7.27 -19.23 -16.80
CA ARG B 15 -7.72 -18.09 -17.62
C ARG B 15 -7.51 -16.73 -16.95
N ARG B 16 -7.96 -16.62 -15.71
CA ARG B 16 -7.82 -15.41 -14.90
C ARG B 16 -6.35 -14.96 -14.78
N ALA B 17 -5.48 -15.92 -14.43
CA ALA B 17 -4.06 -15.66 -14.23
C ALA B 17 -3.38 -15.20 -15.52
N TYR B 18 -3.76 -15.81 -16.64
CA TYR B 18 -3.22 -15.41 -17.93
C TYR B 18 -3.49 -13.93 -18.24
N LEU B 19 -4.71 -13.47 -17.92
CA LEU B 19 -5.11 -12.10 -18.24
C LEU B 19 -4.44 -11.11 -17.30
N TRP B 20 -4.27 -11.51 -16.05
CA TRP B 20 -3.59 -10.68 -15.06
C TRP B 20 -2.16 -10.41 -15.48
N CYS B 21 -1.46 -11.47 -15.89
CA CYS B 21 -0.06 -11.34 -16.30
C CYS B 21 0.06 -10.46 -17.55
N LYS B 22 -0.82 -10.70 -18.51
CA LYS B 22 -0.82 -9.97 -19.76
C LYS B 22 -1.04 -8.46 -19.56
N GLU B 23 -1.89 -8.10 -18.63
CA GLU B 23 -2.27 -6.70 -18.47
C GLU B 23 -1.41 -5.94 -17.47
N PHE B 24 -0.87 -6.64 -16.48
CA PHE B 24 -0.11 -5.99 -15.40
C PHE B 24 1.39 -5.93 -15.65
N LEU B 25 1.92 -6.84 -16.47
CA LEU B 25 3.36 -6.93 -16.69
C LEU B 25 3.73 -6.38 -18.07
N PRO B 26 4.90 -5.71 -18.17
CA PRO B 26 5.34 -5.14 -19.45
C PRO B 26 6.02 -6.17 -20.36
N GLY B 27 6.33 -5.78 -21.60
CA GLY B 27 7.09 -6.62 -22.55
C GLY B 27 6.36 -7.83 -23.14
N ALA B 28 7.09 -8.92 -23.31
CA ALA B 28 6.59 -10.16 -23.90
C ALA B 28 5.27 -10.69 -23.28
N TRP B 29 4.92 -10.17 -22.11
CA TRP B 29 3.66 -10.53 -21.46
C TRP B 29 2.47 -9.96 -22.17
N ARG B 30 2.64 -8.77 -22.77
CA ARG B 30 1.59 -8.13 -23.56
C ARG B 30 1.19 -8.96 -24.81
N GLY B 31 2.14 -9.63 -25.44
CA GLY B 31 1.88 -10.38 -26.68
C GLY B 31 1.59 -11.87 -26.50
N LEU B 32 1.63 -12.34 -25.26
CA LEU B 32 1.48 -13.77 -24.96
C LEU B 32 0.07 -14.29 -25.26
N ARG B 33 0.00 -15.48 -25.87
CA ARG B 33 -1.27 -16.12 -26.21
C ARG B 33 -1.72 -17.03 -25.09
N GLU B 34 -3.04 -17.22 -24.96
CA GLU B 34 -3.61 -18.09 -23.92
C GLU B 34 -2.91 -19.46 -23.85
N ASP B 35 -2.66 -20.06 -25.02
CA ASP B 35 -2.04 -21.37 -25.11
C ASP B 35 -0.58 -21.39 -24.60
N GLU B 36 0.06 -20.21 -24.59
CA GLU B 36 1.48 -20.07 -24.23
C GLU B 36 1.73 -19.92 -22.72
N PHE B 37 0.69 -19.53 -22.00
CA PHE B 37 0.78 -19.24 -20.58
C PHE B 37 1.05 -20.49 -19.74
N HIS B 38 2.10 -20.42 -18.91
CA HIS B 38 2.47 -21.49 -17.96
C HIS B 38 2.13 -21.12 -16.55
N ILE B 39 1.50 -22.05 -15.83
CA ILE B 39 1.11 -21.83 -14.44
C ILE B 39 1.04 -23.16 -13.67
N SER B 40 1.59 -23.19 -12.46
CA SER B 40 1.52 -24.37 -11.58
C SER B 40 1.42 -23.99 -10.10
N VAL B 41 0.85 -24.89 -9.29
CA VAL B 41 0.58 -24.63 -7.87
C VAL B 41 1.87 -24.74 -7.05
N ILE B 42 1.97 -23.90 -6.02
CA ILE B 42 3.14 -23.89 -5.13
C ILE B 42 2.70 -24.14 -3.67
N ARG B 43 1.54 -23.60 -3.31
CA ARG B 43 0.96 -23.78 -1.96
C ARG B 43 -0.56 -23.69 -2.01
N GLY B 44 -1.21 -24.76 -1.54
CA GLY B 44 -2.67 -24.83 -1.46
C GLY B 44 -3.24 -24.14 -0.23
N GLY B 45 -4.42 -24.61 0.20
CA GLY B 45 -5.15 -23.96 1.27
C GLY B 45 -6.36 -23.24 0.68
N LEU B 46 -7.24 -22.74 1.54
CA LEU B 46 -8.44 -22.03 1.07
C LEU B 46 -8.22 -20.51 1.00
N SER B 47 -7.09 -20.05 1.54
CA SER B 47 -6.72 -18.65 1.47
C SER B 47 -5.20 -18.45 1.30
N ASN B 48 -4.82 -17.43 0.54
CA ASN B 48 -3.41 -17.13 0.21
C ASN B 48 -2.69 -18.21 -0.60
N MET B 49 -3.40 -18.83 -1.53
CA MET B 49 -2.85 -19.89 -2.39
C MET B 49 -1.85 -19.32 -3.40
N LEU B 50 -0.69 -19.95 -3.50
CA LEU B 50 0.38 -19.49 -4.40
C LEU B 50 0.41 -20.26 -5.71
N PHE B 51 0.96 -19.62 -6.74
CA PHE B 51 1.08 -20.16 -8.09
C PHE B 51 2.30 -19.53 -8.74
N GLN B 52 3.01 -20.30 -9.55
CA GLN B 52 4.05 -19.72 -10.40
C GLN B 52 3.48 -19.54 -11.78
N CYS B 53 3.71 -18.36 -12.36
CA CYS B 53 3.37 -18.05 -13.74
C CYS B 53 4.64 -17.70 -14.48
N SER B 54 4.80 -18.25 -15.68
CA SER B 54 6.05 -18.05 -16.39
C SER B 54 5.82 -17.98 -17.88
N LEU B 55 6.77 -17.34 -18.55
CA LEU B 55 6.85 -17.36 -20.00
C LEU B 55 7.19 -18.79 -20.42
N PRO B 56 6.79 -19.19 -21.65
CA PRO B 56 7.31 -20.47 -22.14
C PRO B 56 8.82 -20.37 -22.36
N ASP B 57 9.50 -21.50 -22.29
CA ASP B 57 10.96 -21.55 -22.48
C ASP B 57 11.39 -20.95 -23.81
N THR B 58 10.53 -21.10 -24.82
CA THR B 58 10.73 -20.57 -26.17
C THR B 58 10.83 -19.05 -26.20
N THR B 59 9.90 -18.39 -25.50
CA THR B 59 9.75 -16.94 -25.58
C THR B 59 10.96 -16.20 -25.02
N ALA B 60 11.52 -15.32 -25.85
CA ALA B 60 12.63 -14.45 -25.46
C ALA B 60 12.08 -13.18 -24.83
N THR B 61 12.90 -12.55 -23.98
CA THR B 61 12.53 -11.33 -23.28
C THR B 61 12.67 -10.11 -24.19
N LEU B 62 12.06 -8.99 -23.80
CA LEU B 62 12.39 -7.68 -24.34
C LEU B 62 13.46 -7.08 -23.42
N GLY B 63 13.31 -7.36 -22.12
CA GLY B 63 14.10 -6.72 -21.06
C GLY B 63 13.39 -5.44 -20.64
N ASP B 64 13.26 -5.21 -19.34
CA ASP B 64 13.79 -6.09 -18.28
C ASP B 64 12.68 -6.72 -17.42
N GLU B 65 11.54 -7.01 -18.06
CA GLU B 65 10.43 -7.69 -17.40
C GLU B 65 10.80 -9.14 -17.02
N PRO B 66 10.28 -9.62 -15.87
CA PRO B 66 10.58 -10.97 -15.36
C PRO B 66 10.06 -12.14 -16.20
N ARG B 67 10.76 -13.27 -16.13
CA ARG B 67 10.41 -14.49 -16.87
C ARG B 67 9.42 -15.36 -16.09
N LYS B 68 9.58 -15.41 -14.76
CA LYS B 68 8.59 -16.02 -13.88
C LYS B 68 8.14 -15.01 -12.83
N VAL B 69 6.90 -15.17 -12.35
CA VAL B 69 6.35 -14.31 -11.31
C VAL B 69 5.51 -15.17 -10.37
N LEU B 70 5.40 -14.76 -9.13
CA LEU B 70 4.54 -15.46 -8.22
C LEU B 70 3.15 -14.83 -8.28
N LEU B 71 2.12 -15.67 -8.30
CA LEU B 71 0.75 -15.22 -8.17
C LEU B 71 0.20 -15.67 -6.81
N ARG B 72 -0.39 -14.74 -6.08
CA ARG B 72 -1.02 -15.03 -4.80
C ARG B 72 -2.50 -14.70 -4.92
N LEU B 73 -3.36 -15.61 -4.43
CA LEU B 73 -4.81 -15.40 -4.43
C LEU B 73 -5.37 -15.39 -3.02
N TYR B 74 -6.20 -14.40 -2.70
CA TYR B 74 -6.70 -14.22 -1.32
C TYR B 74 -7.61 -15.35 -0.79
N GLY B 75 -8.60 -15.77 -1.60
CA GLY B 75 -9.52 -16.85 -1.21
C GLY B 75 -10.41 -16.52 -0.02
N ALA B 76 -10.29 -17.30 1.04
CA ALA B 76 -11.05 -17.08 2.29
C ALA B 76 -10.25 -16.26 3.30
N ALA B 102 -10.59 -4.31 2.81
CA ALA B 102 -10.36 -5.48 3.67
C ALA B 102 -8.89 -5.95 3.67
N MET B 103 -8.28 -5.98 2.49
CA MET B 103 -6.88 -6.42 2.34
C MET B 103 -5.95 -5.22 2.28
N VAL B 104 -6.48 -4.07 2.69
CA VAL B 104 -5.79 -2.78 2.59
C VAL B 104 -4.45 -2.80 3.35
N LEU B 105 -4.49 -3.27 4.61
CA LEU B 105 -3.29 -3.22 5.44
C LEU B 105 -2.18 -4.10 4.89
N GLU B 106 -2.52 -5.33 4.52
CA GLU B 106 -1.56 -6.28 4.00
C GLU B 106 -0.95 -5.80 2.69
N SER B 107 -1.78 -5.20 1.83
CA SER B 107 -1.33 -4.71 0.52
C SER B 107 -0.36 -3.56 0.67
N VAL B 108 -0.72 -2.61 1.53
CA VAL B 108 0.12 -1.46 1.84
C VAL B 108 1.44 -1.91 2.47
N MET B 109 1.37 -2.85 3.41
CA MET B 109 2.58 -3.40 4.00
C MET B 109 3.49 -4.04 2.95
N PHE B 110 2.94 -4.88 2.08
CA PHE B 110 3.77 -5.54 1.06
C PHE B 110 4.38 -4.52 0.12
N ALA B 111 3.60 -3.53 -0.30
CA ALA B 111 4.12 -2.47 -1.18
C ALA B 111 5.28 -1.72 -0.56
N ILE B 112 5.18 -1.41 0.74
CA ILE B 112 6.22 -0.67 1.44
C ILE B 112 7.50 -1.51 1.52
N LEU B 113 7.34 -2.76 1.93
CA LEU B 113 8.45 -3.72 2.00
C LEU B 113 9.15 -3.90 0.65
N ALA B 114 8.39 -3.96 -0.43
CA ALA B 114 8.95 -3.99 -1.79
C ALA B 114 9.77 -2.75 -2.11
N GLU B 115 9.21 -1.57 -1.84
CA GLU B 115 9.87 -0.31 -2.10
C GLU B 115 11.20 -0.20 -1.37
N ARG B 116 11.24 -0.71 -0.13
CA ARG B 116 12.46 -0.64 0.69
C ARG B 116 13.42 -1.80 0.43
N SER B 117 13.12 -2.62 -0.57
CA SER B 117 13.93 -3.80 -0.93
C SER B 117 14.08 -4.77 0.23
N LEU B 118 13.12 -4.78 1.15
CA LEU B 118 13.18 -5.76 2.21
C LEU B 118 12.48 -7.05 1.78
N GLY B 119 11.42 -6.92 0.96
CA GLY B 119 10.64 -8.07 0.50
C GLY B 119 10.64 -8.23 -1.03
N PRO B 120 9.89 -9.22 -1.56
CA PRO B 120 9.85 -9.34 -3.04
C PRO B 120 9.20 -8.11 -3.69
N LYS B 121 9.63 -7.76 -4.90
CA LYS B 121 9.01 -6.65 -5.63
C LYS B 121 7.52 -6.93 -5.87
N LEU B 122 6.72 -5.88 -5.93
CA LEU B 122 5.30 -5.99 -6.20
C LEU B 122 5.00 -5.54 -7.64
N TYR B 123 4.42 -6.44 -8.43
CA TYR B 123 4.16 -6.20 -9.86
C TYR B 123 2.71 -5.93 -10.22
N GLY B 124 1.79 -6.48 -9.44
CA GLY B 124 0.38 -6.27 -9.73
C GLY B 124 -0.48 -6.43 -8.51
N ILE B 125 -1.47 -5.56 -8.38
CA ILE B 125 -2.45 -5.66 -7.33
C ILE B 125 -3.87 -5.64 -7.92
N PHE B 126 -4.71 -6.59 -7.50
CA PHE B 126 -6.09 -6.70 -7.99
C PHE B 126 -6.99 -7.34 -6.93
N PRO B 127 -8.34 -7.30 -7.11
CA PRO B 127 -9.23 -7.73 -6.03
C PRO B 127 -8.94 -9.14 -5.50
N GLN B 128 -8.61 -10.05 -6.41
CA GLN B 128 -8.44 -11.47 -6.08
C GLN B 128 -7.07 -11.79 -5.47
N GLY B 129 -6.09 -10.91 -5.63
CA GLY B 129 -4.71 -11.21 -5.21
C GLY B 129 -3.64 -10.27 -5.71
N ARG B 130 -2.44 -10.80 -5.93
CA ARG B 130 -1.28 -9.98 -6.35
C ARG B 130 -0.33 -10.76 -7.22
N LEU B 131 0.46 -10.02 -8.01
CA LEU B 131 1.64 -10.59 -8.67
C LEU B 131 2.91 -10.06 -7.99
N GLU B 132 3.81 -10.98 -7.67
CA GLU B 132 5.05 -10.65 -6.96
C GLU B 132 6.25 -11.15 -7.69
N GLN B 133 7.40 -10.57 -7.36
CA GLN B 133 8.67 -11.07 -7.81
C GLN B 133 8.85 -12.52 -7.34
N PHE B 134 9.36 -13.36 -8.23
CA PHE B 134 9.66 -14.74 -7.89
C PHE B 134 11.14 -14.76 -7.60
N ILE B 135 11.52 -15.15 -6.39
CA ILE B 135 12.92 -15.13 -5.98
C ILE B 135 13.45 -16.55 -6.12
N PRO B 136 14.48 -16.77 -6.98
CA PRO B 136 15.10 -18.08 -7.09
C PRO B 136 15.79 -18.38 -5.79
N SER B 137 15.46 -19.53 -5.22
CA SER B 137 15.75 -19.81 -3.82
C SER B 137 15.14 -21.13 -3.42
N ARG B 138 15.44 -21.56 -2.19
CA ARG B 138 14.66 -22.61 -1.53
C ARG B 138 14.34 -22.13 -0.12
N ARG B 139 13.36 -22.74 0.51
CA ARG B 139 13.06 -22.46 1.91
C ARG B 139 14.13 -23.15 2.74
N LEU B 140 14.42 -22.61 3.92
CA LEU B 140 15.25 -23.33 4.89
C LEU B 140 14.53 -24.54 5.45
N ASP B 141 15.28 -25.57 5.85
CA ASP B 141 14.74 -26.70 6.61
C ASP B 141 14.93 -26.42 8.10
N THR B 142 14.15 -27.10 8.95
CA THR B 142 14.24 -26.87 10.38
C THR B 142 15.67 -27.05 10.94
N GLU B 143 16.40 -28.06 10.47
CA GLU B 143 17.74 -28.37 11.05
C GLU B 143 18.71 -27.22 10.77
N GLU B 144 18.43 -26.46 9.72
CA GLU B 144 19.31 -25.34 9.36
C GLU B 144 19.21 -24.13 10.29
N LEU B 145 18.13 -24.04 11.07
CA LEU B 145 17.94 -22.88 11.94
C LEU B 145 19.06 -22.76 12.98
N SER B 146 19.67 -23.90 13.32
CA SER B 146 20.70 -23.92 14.35
C SER B 146 22.14 -23.70 13.86
N LEU B 147 22.35 -23.71 12.54
CA LEU B 147 23.67 -23.35 11.98
C LEU B 147 24.02 -21.93 12.41
N PRO B 148 25.22 -21.74 13.03
CA PRO B 148 25.60 -20.45 13.60
C PRO B 148 25.45 -19.28 12.63
N ASP B 149 25.87 -19.42 11.38
CA ASP B 149 25.78 -18.35 10.37
C ASP B 149 24.33 -18.04 9.96
N ILE B 150 23.55 -19.10 9.80
CA ILE B 150 22.12 -18.97 9.51
C ILE B 150 21.43 -18.22 10.65
N SER B 151 21.65 -18.69 11.88
CA SER B 151 20.97 -18.15 13.05
C SER B 151 21.34 -16.68 13.24
N ALA B 152 22.62 -16.37 13.05
CA ALA B 152 23.09 -14.98 13.14
C ALA B 152 22.45 -14.10 12.09
N GLU B 153 22.30 -14.59 10.87
CA GLU B 153 21.68 -13.79 9.82
C GLU B 153 20.19 -13.59 10.09
N ILE B 154 19.49 -14.63 10.53
CA ILE B 154 18.06 -14.51 10.86
C ILE B 154 17.90 -13.40 11.92
N ALA B 155 18.74 -13.42 12.95
CA ALA B 155 18.71 -12.41 14.00
C ALA B 155 18.90 -10.98 13.44
N GLU B 156 19.86 -10.81 12.53
CA GLU B 156 20.09 -9.47 11.92
C GLU B 156 18.90 -9.07 11.04
N LYS B 157 18.41 -10.00 10.23
CA LYS B 157 17.22 -9.73 9.41
C LYS B 157 16.01 -9.39 10.28
N MET B 158 15.85 -10.09 11.39
CA MET B 158 14.74 -9.80 12.29
C MET B 158 14.90 -8.41 12.91
N ALA B 159 16.10 -8.10 13.38
CA ALA B 159 16.38 -6.78 13.92
C ALA B 159 16.08 -5.68 12.89
N THR B 160 16.40 -5.95 11.62
CA THR B 160 16.13 -4.98 10.55
C THR B 160 14.64 -4.76 10.37
N PHE B 161 13.89 -5.86 10.35
CA PHE B 161 12.44 -5.84 10.27
C PHE B 161 11.87 -5.03 11.42
N HIS B 162 12.39 -5.27 12.63
CA HIS B 162 11.94 -4.60 13.84
C HIS B 162 12.14 -3.10 13.84
N GLY B 163 13.13 -2.63 13.09
CA GLY B 163 13.40 -1.18 12.97
C GLY B 163 12.52 -0.46 11.96
N MET B 164 11.67 -1.16 11.23
CA MET B 164 10.94 -0.35 10.27
C MET B 164 9.72 0.37 10.81
N LYS B 165 9.56 1.60 10.34
CA LYS B 165 8.37 2.42 10.63
C LYS B 165 7.31 2.02 9.64
N MET B 166 6.12 1.75 10.14
CA MET B 166 5.00 1.31 9.31
C MET B 166 3.78 2.11 9.76
N PRO B 167 2.87 2.41 8.82
CA PRO B 167 1.76 3.33 9.11
C PRO B 167 0.61 2.60 9.79
N PHE B 168 0.94 1.71 10.74
CA PHE B 168 -0.06 0.90 11.41
C PHE B 168 -0.11 1.23 12.90
N ASN B 169 -1.16 0.78 13.57
CA ASN B 169 -1.39 1.09 14.96
C ASN B 169 -0.22 0.58 15.81
N LYS B 170 0.36 1.44 16.64
CA LYS B 170 1.56 1.05 17.39
C LYS B 170 1.28 0.45 18.78
N GLU B 171 0.01 0.39 19.14
CA GLU B 171 -0.42 -0.25 20.40
C GLU B 171 -0.31 -1.76 20.25
N PRO B 172 0.37 -2.42 21.20
CA PRO B 172 0.64 -3.86 21.08
C PRO B 172 -0.60 -4.68 21.42
N LYS B 173 -1.71 -4.48 20.72
CA LYS B 173 -2.90 -5.26 21.07
C LYS B 173 -3.02 -6.58 20.30
N TRP B 174 -2.15 -6.80 19.31
CA TRP B 174 -2.23 -8.00 18.48
C TRP B 174 -2.17 -9.30 19.27
N LEU B 175 -1.20 -9.41 20.18
CA LEU B 175 -0.89 -10.70 20.82
C LEU B 175 -2.07 -11.21 21.64
N PHE B 176 -2.46 -10.45 22.65
CA PHE B 176 -3.58 -10.89 23.47
C PHE B 176 -4.95 -10.74 22.80
N GLY B 177 -5.08 -9.77 21.91
CA GLY B 177 -6.30 -9.68 21.11
C GLY B 177 -6.53 -10.91 20.25
N THR B 178 -5.46 -11.41 19.64
CA THR B 178 -5.56 -12.63 18.87
C THR B 178 -5.83 -13.85 19.78
N MET B 179 -5.14 -13.95 20.91
CA MET B 179 -5.39 -15.07 21.83
C MET B 179 -6.85 -15.05 22.35
N GLU B 180 -7.39 -13.87 22.66
CA GLU B 180 -8.80 -13.77 23.09
CA GLU B 180 -8.80 -13.77 23.07
C GLU B 180 -9.75 -14.22 21.97
N LYS B 181 -9.49 -13.74 20.74
CA LYS B 181 -10.28 -14.11 19.57
C LYS B 181 -10.32 -15.63 19.35
N TYR B 182 -9.16 -16.28 19.35
CA TYR B 182 -9.13 -17.72 19.14
C TYR B 182 -9.73 -18.47 20.33
N LEU B 183 -9.44 -18.02 21.55
CA LEU B 183 -9.99 -18.67 22.73
C LEU B 183 -11.53 -18.64 22.70
N LYS B 184 -12.10 -17.53 22.24
CA LYS B 184 -13.56 -17.44 22.17
C LYS B 184 -14.14 -18.43 21.15
N GLU B 185 -13.48 -18.59 20.00
CA GLU B 185 -13.90 -19.59 19.00
C GLU B 185 -13.70 -21.02 19.50
N VAL B 186 -12.58 -21.28 20.18
CA VAL B 186 -12.32 -22.63 20.74
C VAL B 186 -13.42 -23.09 21.70
N LEU B 187 -13.89 -22.19 22.56
CA LEU B 187 -14.92 -22.52 23.55
C LEU B 187 -16.30 -22.71 22.92
N ARG B 188 -16.46 -22.31 21.66
CA ARG B 188 -17.75 -22.45 20.94
C ARG B 188 -17.75 -23.64 19.98
N ILE B 189 -16.57 -24.20 19.74
CA ILE B 189 -16.38 -25.05 18.57
C ILE B 189 -17.02 -26.44 18.72
N LYS B 190 -17.72 -26.85 17.66
CA LYS B 190 -18.35 -28.17 17.61
C LYS B 190 -17.76 -29.02 16.50
N PHE B 191 -17.05 -30.06 16.85
CA PHE B 191 -16.51 -30.99 15.87
C PHE B 191 -17.53 -32.08 15.68
N THR B 192 -17.68 -32.59 14.46
CA THR B 192 -18.60 -33.70 14.24
C THR B 192 -17.95 -35.05 14.56
N GLU B 193 -16.65 -35.17 14.33
CA GLU B 193 -15.96 -36.45 14.54
C GLU B 193 -15.54 -36.69 16.01
N GLU B 194 -15.84 -37.90 16.48
CA GLU B 194 -15.59 -38.32 17.85
C GLU B 194 -14.14 -38.13 18.33
N SER B 195 -13.19 -38.50 17.47
CA SER B 195 -11.78 -38.36 17.81
C SER B 195 -11.39 -36.90 18.08
N ARG B 196 -11.92 -35.95 17.31
CA ARG B 196 -11.61 -34.54 17.53
C ARG B 196 -12.30 -34.02 18.78
N ILE B 197 -13.56 -34.42 18.98
CA ILE B 197 -14.29 -34.13 20.22
C ILE B 197 -13.49 -34.53 21.47
N LYS B 198 -12.92 -35.73 21.47
CA LYS B 198 -12.14 -36.21 22.62
C LYS B 198 -10.81 -35.44 22.81
N LYS B 199 -10.14 -35.13 21.71
CA LYS B 199 -8.88 -34.39 21.80
C LYS B 199 -9.16 -33.00 22.35
N LEU B 200 -10.26 -32.40 21.91
CA LEU B 200 -10.68 -31.08 22.40
C LEU B 200 -11.02 -31.12 23.88
N HIS B 201 -11.68 -32.21 24.31
CA HIS B 201 -12.02 -32.37 25.71
C HIS B 201 -10.78 -32.30 26.58
N LYS B 202 -9.71 -32.93 26.13
CA LYS B 202 -8.45 -32.92 26.89
C LYS B 202 -7.81 -31.53 26.98
N LEU B 203 -7.81 -30.79 25.87
CA LEU B 203 -7.26 -29.43 25.84
C LEU B 203 -8.10 -28.50 26.71
N LEU B 204 -9.42 -28.68 26.66
CA LEU B 204 -10.32 -27.88 27.47
C LEU B 204 -10.12 -28.12 28.96
N SER B 205 -9.61 -29.30 29.32
CA SER B 205 -9.43 -29.66 30.73
C SER B 205 -8.31 -28.86 31.42
N TYR B 206 -7.46 -28.18 30.65
CA TYR B 206 -6.43 -27.31 31.20
C TYR B 206 -6.98 -25.99 31.78
N ASN B 207 -8.27 -25.73 31.60
CA ASN B 207 -8.89 -24.45 31.95
C ASN B 207 -8.21 -23.29 31.21
N LEU B 208 -8.51 -23.21 29.92
CA LEU B 208 -7.85 -22.24 29.04
C LEU B 208 -8.09 -20.76 29.40
N PRO B 209 -9.33 -20.39 29.78
CA PRO B 209 -9.50 -19.01 30.25
C PRO B 209 -8.60 -18.65 31.42
N LEU B 210 -8.48 -19.54 32.41
CA LEU B 210 -7.66 -19.28 33.58
C LEU B 210 -6.18 -19.20 33.22
N GLU B 211 -5.74 -20.09 32.33
CA GLU B 211 -4.35 -20.13 31.93
C GLU B 211 -3.97 -18.84 31.20
N LEU B 212 -4.86 -18.34 30.37
CA LEU B 212 -4.60 -17.11 29.62
C LEU B 212 -4.44 -15.91 30.57
N GLU B 213 -5.25 -15.86 31.63
CA GLU B 213 -5.07 -14.82 32.66
C GLU B 213 -3.74 -14.94 33.38
N ASN B 214 -3.30 -16.16 33.65
CA ASN B 214 -1.97 -16.37 34.26
CA ASN B 214 -1.97 -16.39 34.26
C ASN B 214 -0.85 -15.91 33.33
N LEU B 215 -1.00 -16.19 32.05
CA LEU B 215 -0.01 -15.75 31.05
C LEU B 215 0.02 -14.23 30.96
N ARG B 216 -1.15 -13.62 30.94
CA ARG B 216 -1.28 -12.16 30.91
C ARG B 216 -0.56 -11.51 32.08
N SER B 217 -0.85 -12.00 33.28
CA SER B 217 -0.19 -11.47 34.46
C SER B 217 1.33 -11.63 34.34
N LEU B 218 1.79 -12.79 33.84
CA LEU B 218 3.24 -12.97 33.67
C LEU B 218 3.85 -11.95 32.72
N LEU B 219 3.27 -11.84 31.53
CA LEU B 219 3.86 -11.00 30.49
C LEU B 219 3.70 -9.50 30.81
N GLU B 220 2.62 -9.14 31.52
CA GLU B 220 2.47 -7.74 31.97
C GLU B 220 3.64 -7.34 32.88
N SER B 221 4.28 -8.31 33.54
CA SER B 221 5.42 -7.98 34.40
C SER B 221 6.78 -8.17 33.72
N THR B 222 6.75 -8.35 32.39
CA THR B 222 7.94 -8.66 31.61
C THR B 222 8.10 -7.59 30.51
N PRO B 223 8.94 -6.56 30.77
CA PRO B 223 9.18 -5.50 29.77
C PRO B 223 9.71 -6.02 28.44
N SER B 224 9.12 -5.54 27.35
CA SER B 224 9.55 -5.90 26.03
C SER B 224 9.19 -4.75 25.09
N PRO B 225 10.18 -4.19 24.37
CA PRO B 225 9.88 -3.07 23.46
C PRO B 225 8.90 -3.49 22.38
N VAL B 226 8.03 -2.56 21.99
CA VAL B 226 7.05 -2.80 20.92
C VAL B 226 7.72 -2.43 19.59
N VAL B 227 7.76 -3.37 18.65
CA VAL B 227 8.42 -3.16 17.36
C VAL B 227 7.54 -3.77 16.29
N PHE B 228 7.82 -3.46 15.01
CA PHE B 228 7.08 -4.10 13.93
C PHE B 228 7.58 -5.55 13.82
N CYS B 229 6.75 -6.51 14.26
CA CYS B 229 7.12 -7.92 14.26
C CYS B 229 6.65 -8.68 13.03
N HIS B 230 7.43 -9.67 12.63
CA HIS B 230 7.02 -10.62 11.58
C HIS B 230 5.91 -11.53 12.07
N ASN B 231 6.08 -12.01 13.31
CA ASN B 231 5.16 -12.93 14.01
C ASN B 231 5.07 -14.39 13.55
N ASP B 232 5.83 -14.77 12.54
CA ASP B 232 5.78 -16.15 12.03
C ASP B 232 7.14 -16.54 11.43
N CYS B 233 8.20 -16.30 12.19
CA CYS B 233 9.54 -16.55 11.69
CA CYS B 233 9.54 -16.57 11.70
C CYS B 233 9.92 -18.04 11.81
N GLN B 234 9.26 -18.86 11.01
CA GLN B 234 9.54 -20.28 10.90
C GLN B 234 10.43 -20.47 9.66
N GLU B 235 11.21 -21.56 9.62
CA GLU B 235 12.09 -21.90 8.50
C GLU B 235 11.43 -21.78 7.11
N GLY B 236 10.16 -22.17 7.00
CA GLY B 236 9.43 -22.11 5.73
C GLY B 236 9.16 -20.72 5.20
N ASN B 237 9.30 -19.70 6.06
CA ASN B 237 9.15 -18.32 5.68
C ASN B 237 10.48 -17.61 5.54
N ILE B 238 11.55 -18.39 5.37
CA ILE B 238 12.89 -17.80 5.17
C ILE B 238 13.47 -18.44 3.91
N LEU B 239 13.77 -17.60 2.92
CA LEU B 239 14.35 -18.06 1.66
C LEU B 239 15.87 -18.03 1.71
N LEU B 240 16.50 -19.12 1.29
CA LEU B 240 17.93 -19.15 1.05
C LEU B 240 18.12 -18.83 -0.43
N LEU B 241 18.77 -17.70 -0.70
CA LEU B 241 18.86 -17.11 -2.04
C LEU B 241 19.80 -17.88 -2.95
N GLU B 242 19.30 -18.23 -4.13
CA GLU B 242 20.07 -19.00 -5.11
C GLU B 242 21.41 -18.34 -5.43
N GLY B 243 22.47 -19.13 -5.41
CA GLY B 243 23.80 -18.66 -5.76
C GLY B 243 24.45 -17.75 -4.73
N ARG B 244 23.83 -17.64 -3.54
CA ARG B 244 24.39 -16.85 -2.43
C ARG B 244 24.83 -17.70 -1.23
N GLU B 245 24.89 -19.02 -1.45
CA GLU B 245 25.23 -20.01 -0.40
C GLU B 245 26.53 -19.74 0.35
N ASN B 246 27.49 -19.09 -0.32
CA ASN B 246 28.80 -18.86 0.27
C ASN B 246 28.91 -17.52 0.98
N SER B 247 27.86 -16.72 0.90
CA SER B 247 27.82 -15.46 1.64
C SER B 247 27.55 -15.79 3.10
N GLU B 248 28.47 -15.39 3.97
CA GLU B 248 28.30 -15.63 5.40
C GLU B 248 27.08 -14.89 5.97
N LYS B 249 26.80 -13.68 5.49
CA LYS B 249 25.85 -12.79 6.18
C LYS B 249 24.67 -12.22 5.38
N GLN B 250 24.62 -12.50 4.08
CA GLN B 250 23.57 -11.94 3.22
C GLN B 250 23.06 -12.99 2.26
N LYS B 251 22.52 -14.08 2.78
CA LYS B 251 22.00 -15.12 1.91
C LYS B 251 20.53 -15.44 2.12
N LEU B 252 19.89 -14.72 3.04
CA LEU B 252 18.49 -14.99 3.43
C LEU B 252 17.56 -13.82 3.19
N MET B 253 16.28 -14.13 3.02
CA MET B 253 15.20 -13.13 3.01
C MET B 253 14.02 -13.66 3.80
N LEU B 254 13.44 -12.82 4.65
CA LEU B 254 12.20 -13.15 5.36
C LEU B 254 11.03 -12.86 4.42
N ILE B 255 10.10 -13.80 4.30
CA ILE B 255 8.93 -13.61 3.46
C ILE B 255 7.67 -13.93 4.24
N ASP B 256 6.51 -13.80 3.60
CA ASP B 256 5.22 -14.26 4.15
C ASP B 256 4.84 -13.43 5.41
N PHE B 257 4.45 -12.20 5.17
CA PHE B 257 4.16 -11.25 6.22
C PHE B 257 2.70 -11.21 6.67
N GLU B 258 1.97 -12.30 6.46
CA GLU B 258 0.50 -12.35 6.75
C GLU B 258 0.14 -12.00 8.20
N TYR B 259 1.03 -12.32 9.13
CA TYR B 259 0.76 -12.07 10.56
C TYR B 259 1.41 -10.81 11.12
N SER B 260 2.19 -10.09 10.30
CA SER B 260 3.07 -9.05 10.82
C SER B 260 2.25 -7.91 11.41
N SER B 261 2.71 -7.36 12.52
CA SER B 261 2.01 -6.29 13.26
C SER B 261 2.94 -5.72 14.31
N TYR B 262 2.62 -4.52 14.80
CA TYR B 262 3.31 -4.04 15.99
C TYR B 262 3.00 -5.00 17.14
N ASN B 263 4.05 -5.45 17.79
CA ASN B 263 3.95 -6.51 18.81
C ASN B 263 5.21 -6.46 19.68
N TYR B 264 5.19 -7.17 20.80
CA TYR B 264 6.34 -7.23 21.70
C TYR B 264 7.46 -7.98 20.99
N ARG B 265 8.62 -7.35 20.96
CA ARG B 265 9.81 -7.93 20.36
C ARG B 265 10.08 -9.33 20.93
N GLY B 266 9.82 -9.51 22.22
CA GLY B 266 10.02 -10.81 22.87
C GLY B 266 9.23 -11.94 22.22
N PHE B 267 8.05 -11.61 21.67
CA PHE B 267 7.25 -12.62 20.98
C PHE B 267 7.92 -13.10 19.70
N ASP B 268 8.44 -12.18 18.89
CA ASP B 268 9.01 -12.56 17.60
C ASP B 268 10.21 -13.46 17.85
N ILE B 269 11.04 -13.09 18.83
CA ILE B 269 12.22 -13.90 19.11
C ILE B 269 11.86 -15.26 19.75
N GLY B 270 11.04 -15.21 20.80
CA GLY B 270 10.56 -16.42 21.46
C GLY B 270 9.86 -17.38 20.50
N ASN B 271 9.02 -16.85 19.61
CA ASN B 271 8.36 -17.64 18.57
C ASN B 271 9.37 -18.34 17.64
N HIS B 272 10.39 -17.59 17.22
CA HIS B 272 11.43 -18.16 16.38
C HIS B 272 12.14 -19.28 17.09
N PHE B 273 12.46 -19.10 18.39
CA PHE B 273 13.09 -20.17 19.19
C PHE B 273 12.20 -21.43 19.26
N CYS B 274 10.90 -21.24 19.47
CA CYS B 274 9.97 -22.38 19.48
C CYS B 274 10.01 -23.16 18.17
N GLU B 275 10.16 -22.43 17.05
CA GLU B 275 10.15 -23.06 15.72
C GLU B 275 11.31 -23.99 15.49
N TRP B 276 12.38 -23.86 16.28
CA TRP B 276 13.43 -24.89 16.27
C TRP B 276 12.92 -26.29 16.55
N MET B 277 11.81 -26.40 17.28
CA MET B 277 11.27 -27.71 17.70
C MET B 277 10.33 -28.40 16.73
N TYR B 278 9.91 -27.69 15.67
CA TYR B 278 8.85 -28.19 14.79
C TYR B 278 9.28 -28.30 13.35
N ASP B 279 9.09 -29.48 12.78
CA ASP B 279 9.48 -29.73 11.39
C ASP B 279 8.19 -30.02 10.65
N TYR B 280 7.79 -29.13 9.74
CA TYR B 280 6.55 -29.32 8.99
C TYR B 280 6.74 -30.03 7.66
N SER B 281 7.90 -30.65 7.45
CA SER B 281 8.13 -31.39 6.19
C SER B 281 7.89 -32.90 6.34
N TYR B 282 7.52 -33.36 7.54
CA TYR B 282 7.23 -34.78 7.76
C TYR B 282 6.13 -35.26 6.81
N GLU B 283 6.41 -36.36 6.09
CA GLU B 283 5.57 -36.84 4.97
C GLU B 283 4.38 -37.71 5.38
N LYS B 284 4.34 -38.13 6.64
CA LYS B 284 3.26 -38.95 7.13
C LYS B 284 2.47 -38.20 8.20
N TYR B 285 1.20 -38.57 8.38
CA TYR B 285 0.39 -38.03 9.46
C TYR B 285 1.13 -38.12 10.80
N PRO B 286 1.11 -37.04 11.61
CA PRO B 286 0.33 -35.78 11.46
C PRO B 286 0.96 -34.68 10.59
N PHE B 287 1.98 -35.03 9.81
CA PHE B 287 2.68 -34.10 8.91
C PHE B 287 3.49 -33.00 9.61
N PHE B 288 3.88 -33.29 10.86
CA PHE B 288 4.93 -32.55 11.54
C PHE B 288 5.65 -33.46 12.49
N ARG B 289 6.90 -33.12 12.82
CA ARG B 289 7.60 -33.70 13.96
C ARG B 289 7.77 -32.61 14.98
N ALA B 290 7.67 -32.98 16.25
CA ALA B 290 7.88 -32.04 17.34
C ALA B 290 8.91 -32.64 18.27
N ASN B 291 9.96 -31.88 18.59
CA ASN B 291 11.02 -32.40 19.43
C ASN B 291 11.48 -31.32 20.42
N ILE B 292 11.00 -31.45 21.64
CA ILE B 292 11.31 -30.51 22.72
C ILE B 292 12.83 -30.31 22.96
N ARG B 293 13.62 -31.36 22.70
CA ARG B 293 15.06 -31.32 22.93
C ARG B 293 15.76 -30.37 21.96
N LYS B 294 15.05 -29.94 20.91
CA LYS B 294 15.68 -29.12 19.87
C LYS B 294 15.53 -27.62 20.12
N TYR B 295 14.87 -27.24 21.20
CA TYR B 295 14.81 -25.82 21.60
C TYR B 295 16.25 -25.33 21.78
N PRO B 296 16.58 -24.09 21.34
CA PRO B 296 17.99 -23.67 21.46
C PRO B 296 18.51 -23.70 22.89
N THR B 297 19.74 -24.16 23.06
CA THR B 297 20.42 -24.08 24.36
C THR B 297 20.70 -22.63 24.73
N LYS B 298 21.05 -22.37 25.99
CA LYS B 298 21.42 -20.99 26.40
C LYS B 298 22.50 -20.41 25.48
N LYS B 299 23.48 -21.25 25.13
CA LYS B 299 24.57 -20.81 24.25
C LYS B 299 24.03 -20.38 22.88
N GLN B 300 23.13 -21.20 22.33
CA GLN B 300 22.58 -20.95 21.02
C GLN B 300 21.70 -19.69 21.07
N GLN B 301 21.01 -19.51 22.19
CA GLN B 301 20.17 -18.34 22.39
C GLN B 301 21.02 -17.08 22.48
N LEU B 302 22.12 -17.14 23.24
CA LEU B 302 23.07 -16.05 23.34
C LEU B 302 23.70 -15.71 22.01
N HIS B 303 24.02 -16.73 21.21
CA HIS B 303 24.53 -16.52 19.86
C HIS B 303 23.55 -15.71 19.03
N PHE B 304 22.28 -16.11 19.09
CA PHE B 304 21.25 -15.40 18.34
C PHE B 304 21.15 -13.93 18.80
N ILE B 305 20.98 -13.71 20.10
CA ILE B 305 20.75 -12.35 20.54
C ILE B 305 22.02 -11.48 20.46
N SER B 306 23.20 -12.11 20.47
CA SER B 306 24.44 -11.38 20.27
C SER B 306 24.50 -10.75 18.88
N SER B 307 23.83 -11.36 17.91
CA SER B 307 23.74 -10.79 16.57
CA SER B 307 23.74 -10.81 16.56
C SER B 307 22.58 -9.81 16.49
N TYR B 308 21.47 -10.14 17.14
CA TYR B 308 20.28 -9.28 17.12
C TYR B 308 20.54 -7.87 17.68
N LEU B 309 21.14 -7.82 18.87
CA LEU B 309 21.20 -6.56 19.64
C LEU B 309 21.98 -5.47 18.91
N PRO B 310 23.19 -5.79 18.41
CA PRO B 310 23.90 -4.72 17.71
C PRO B 310 23.24 -4.34 16.39
N ALA B 311 22.47 -5.24 15.78
CA ALA B 311 21.73 -4.91 14.56
C ALA B 311 20.51 -4.04 14.87
N PHE B 312 19.94 -4.18 16.06
CA PHE B 312 18.77 -3.40 16.46
C PHE B 312 19.08 -2.10 17.21
N GLN B 313 20.05 -2.16 18.11
CA GLN B 313 20.34 -1.06 19.05
C GLN B 313 21.71 -0.49 18.67
N ASN B 314 21.70 0.74 18.15
CA ASN B 314 22.88 1.39 17.55
C ASN B 314 24.16 1.42 18.40
N ASP B 315 24.04 1.80 19.66
CA ASP B 315 25.22 1.94 20.50
C ASP B 315 25.50 0.71 21.36
N PHE B 316 24.82 -0.40 21.09
CA PHE B 316 25.04 -1.62 21.85
C PHE B 316 26.48 -2.13 21.71
N GLU B 317 27.01 -2.07 20.49
CA GLU B 317 28.38 -2.50 20.19
C GLU B 317 29.40 -1.81 21.10
N ASN B 318 29.11 -0.57 21.48
CA ASN B 318 30.05 0.25 22.22
C ASN B 318 29.87 0.24 23.75
N LEU B 319 28.98 -0.61 24.23
CA LEU B 319 28.80 -0.78 25.67
C LEU B 319 29.91 -1.67 26.21
N SER B 320 30.15 -1.58 27.51
CA SER B 320 31.12 -2.44 28.18
C SER B 320 30.63 -3.89 28.20
N THR B 321 31.55 -4.83 28.36
CA THR B 321 31.23 -6.26 28.40
C THR B 321 30.21 -6.57 29.50
N GLU B 322 30.38 -5.92 30.65
CA GLU B 322 29.48 -6.14 31.78
C GLU B 322 28.07 -5.70 31.43
N GLU B 323 27.96 -4.52 30.83
CA GLU B 323 26.68 -3.93 30.47
C GLU B 323 25.96 -4.74 29.39
N LYS B 324 26.71 -5.22 28.40
CA LYS B 324 26.17 -6.15 27.40
C LYS B 324 25.65 -7.42 28.04
N SER B 325 26.41 -7.97 28.98
CA SER B 325 26.03 -9.21 29.66
C SER B 325 24.73 -9.05 30.44
N ILE B 326 24.56 -7.88 31.07
CA ILE B 326 23.35 -7.53 31.81
C ILE B 326 22.11 -7.50 30.90
N ILE B 327 22.22 -6.78 29.79
CA ILE B 327 21.14 -6.66 28.81
C ILE B 327 20.78 -8.05 28.26
N LYS B 328 21.80 -8.81 27.89
CA LYS B 328 21.60 -10.15 27.37
C LYS B 328 20.87 -11.09 28.33
N GLU B 329 21.32 -11.14 29.57
CA GLU B 329 20.67 -12.00 30.59
C GLU B 329 19.21 -11.62 30.80
N GLU B 330 18.93 -10.32 30.84
CA GLU B 330 17.55 -9.85 30.91
C GLU B 330 16.74 -10.23 29.65
N MET B 331 17.37 -10.13 28.48
CA MET B 331 16.69 -10.47 27.24
C MET B 331 16.37 -11.97 27.18
N LEU B 332 17.27 -12.82 27.66
CA LEU B 332 16.95 -14.25 27.71
C LEU B 332 15.70 -14.54 28.53
N LEU B 333 15.58 -13.88 29.68
CA LEU B 333 14.40 -14.02 30.52
C LEU B 333 13.14 -13.57 29.78
N GLU B 334 13.20 -12.39 29.17
CA GLU B 334 12.11 -11.83 28.35
C GLU B 334 11.65 -12.79 27.24
N VAL B 335 12.59 -13.24 26.40
CA VAL B 335 12.19 -14.05 25.24
C VAL B 335 11.66 -15.44 25.60
N ASN B 336 12.21 -16.04 26.64
CA ASN B 336 11.74 -17.35 27.08
C ASN B 336 10.36 -17.30 27.74
N ARG B 337 10.03 -16.18 28.40
CA ARG B 337 8.68 -15.98 28.87
C ARG B 337 7.71 -15.75 27.73
N PHE B 338 8.11 -14.93 26.75
CA PHE B 338 7.22 -14.68 25.61
C PHE B 338 7.05 -15.91 24.70
N ALA B 339 8.05 -16.80 24.69
CA ALA B 339 7.87 -18.13 24.07
C ALA B 339 6.60 -18.88 24.54
N LEU B 340 6.22 -18.76 25.83
CA LEU B 340 4.97 -19.35 26.30
C LEU B 340 3.77 -18.83 25.49
N ALA B 341 3.80 -17.55 25.09
CA ALA B 341 2.70 -17.00 24.29
C ALA B 341 2.71 -17.57 22.87
N SER B 342 3.90 -17.89 22.35
CA SER B 342 3.95 -18.62 21.05
C SER B 342 3.18 -19.95 21.15
N HIS B 343 3.48 -20.77 22.17
CA HIS B 343 2.78 -22.04 22.33
C HIS B 343 1.29 -21.87 22.48
N PHE B 344 0.91 -20.89 23.29
CA PHE B 344 -0.49 -20.71 23.66
C PHE B 344 -1.28 -20.20 22.48
N LEU B 345 -0.77 -19.13 21.84
CA LEU B 345 -1.40 -18.57 20.64
C LEU B 345 -1.57 -19.60 19.54
N TRP B 346 -0.49 -20.29 19.18
CA TRP B 346 -0.59 -21.20 18.02
C TRP B 346 -1.32 -22.47 18.34
N GLY B 347 -1.25 -22.90 19.61
CA GLY B 347 -2.09 -23.99 20.13
C GLY B 347 -3.57 -23.69 19.91
N LEU B 348 -4.05 -22.52 20.36
CA LEU B 348 -5.44 -22.14 20.16
C LEU B 348 -5.78 -22.00 18.67
N TRP B 349 -4.86 -21.40 17.92
CA TRP B 349 -5.04 -21.21 16.48
C TRP B 349 -5.21 -22.55 15.77
N SER B 350 -4.42 -23.53 16.18
CA SER B 350 -4.44 -24.87 15.57
CA SER B 350 -4.46 -24.86 15.57
C SER B 350 -5.79 -25.57 15.80
N ILE B 351 -6.34 -25.42 17.00
CA ILE B 351 -7.69 -25.97 17.26
C ILE B 351 -8.70 -25.41 16.26
N VAL B 352 -8.74 -24.09 16.09
CA VAL B 352 -9.64 -23.44 15.14
C VAL B 352 -9.43 -23.94 13.70
N GLN B 353 -8.16 -24.10 13.27
CA GLN B 353 -7.86 -24.60 11.93
C GLN B 353 -8.36 -26.04 11.71
N ALA B 354 -8.36 -26.85 12.77
CA ALA B 354 -8.76 -28.27 12.65
C ALA B 354 -10.17 -28.36 12.11
N LYS B 355 -10.98 -27.35 12.42
CA LYS B 355 -12.33 -27.25 11.92
C LYS B 355 -12.40 -26.75 10.47
N ILE B 356 -11.58 -25.77 10.11
CA ILE B 356 -11.82 -24.97 8.90
C ILE B 356 -10.84 -25.11 7.73
N SER B 357 -9.68 -25.70 7.99
CA SER B 357 -8.62 -25.77 6.99
C SER B 357 -8.77 -26.94 6.02
N SER B 358 -8.33 -26.71 4.77
CA SER B 358 -8.38 -27.71 3.71
CA SER B 358 -8.38 -27.73 3.71
C SER B 358 -7.04 -28.45 3.54
N ILE B 359 -6.01 -27.96 4.24
CA ILE B 359 -4.67 -28.53 4.21
C ILE B 359 -4.66 -29.90 4.91
N GLU B 360 -3.87 -30.84 4.37
CA GLU B 360 -3.57 -32.09 5.07
C GLU B 360 -2.52 -31.86 6.17
N PHE B 361 -3.00 -31.72 7.39
CA PHE B 361 -2.15 -31.45 8.55
C PHE B 361 -2.92 -31.86 9.78
N GLY B 362 -2.24 -32.49 10.72
CA GLY B 362 -2.90 -32.95 11.93
C GLY B 362 -3.00 -31.81 12.93
N TYR B 363 -3.99 -30.94 12.78
CA TYR B 363 -4.05 -29.70 13.61
C TYR B 363 -4.31 -29.98 15.10
N MET B 364 -5.17 -30.96 15.40
CA MET B 364 -5.45 -31.27 16.81
C MET B 364 -4.21 -31.82 17.51
N ASP B 365 -3.47 -32.70 16.83
CA ASP B 365 -2.22 -33.22 17.40
C ASP B 365 -1.17 -32.10 17.57
N TYR B 366 -1.13 -31.18 16.62
CA TYR B 366 -0.20 -30.06 16.74
C TYR B 366 -0.56 -29.16 17.89
N ALA B 367 -1.87 -28.95 18.09
CA ALA B 367 -2.34 -28.15 19.22
C ALA B 367 -1.89 -28.76 20.54
N GLN B 368 -2.01 -30.09 20.65
CA GLN B 368 -1.55 -30.79 21.85
C GLN B 368 -0.04 -30.69 22.01
N ALA B 369 0.69 -30.79 20.90
CA ALA B 369 2.14 -30.58 20.93
C ALA B 369 2.52 -29.19 21.48
N ARG B 370 1.84 -28.14 21.04
CA ARG B 370 2.16 -26.79 21.53
C ARG B 370 1.82 -26.64 23.01
N PHE B 371 0.64 -27.13 23.41
CA PHE B 371 0.28 -27.12 24.83
C PHE B 371 1.22 -27.96 25.72
N ASP B 372 1.64 -29.14 25.26
CA ASP B 372 2.70 -29.90 25.97
C ASP B 372 3.98 -29.06 26.20
N ALA B 373 4.43 -28.37 25.14
CA ALA B 373 5.61 -27.52 25.26
C ALA B 373 5.36 -26.31 26.16
N TYR B 374 4.14 -25.79 26.13
CA TYR B 374 3.73 -24.69 27.02
C TYR B 374 3.96 -25.08 28.51
N PHE B 375 3.40 -26.21 28.90
CA PHE B 375 3.55 -26.68 30.28
C PHE B 375 4.98 -27.09 30.61
N HIS B 376 5.67 -27.69 29.66
CA HIS B 376 7.10 -27.96 29.82
C HIS B 376 7.90 -26.68 30.07
N GLN B 377 7.69 -25.66 29.25
CA GLN B 377 8.43 -24.41 29.40
C GLN B 377 8.10 -23.73 30.74
N LYS B 378 6.83 -23.78 31.13
CA LYS B 378 6.39 -23.25 32.44
C LYS B 378 7.18 -23.87 33.59
N ARG B 379 7.33 -25.19 33.54
CA ARG B 379 8.10 -25.95 34.53
CA ARG B 379 8.09 -25.95 34.54
C ARG B 379 9.58 -25.57 34.49
N LYS B 380 10.15 -25.49 33.29
CA LYS B 380 11.54 -25.08 33.09
C LYS B 380 11.81 -23.66 33.67
N LEU B 381 10.88 -22.74 33.48
CA LEU B 381 11.03 -21.38 33.99
C LEU B 381 10.68 -21.26 35.48
N GLY B 382 9.98 -22.26 36.01
CA GLY B 382 9.51 -22.22 37.39
C GLY B 382 8.45 -21.14 37.54
N VAL B 383 7.57 -21.09 36.54
CA VAL B 383 6.60 -20.03 36.37
C VAL B 383 5.19 -20.63 36.34
CAA QMQ C . -11.85 18.38 -13.58
NBI QMQ C . -12.35 17.94 -12.25
CAB QMQ C . -12.26 16.51 -11.84
CBE QMQ C . -12.84 18.86 -11.38
CAM QMQ C . -13.12 18.52 -10.04
CAP QMQ C . -13.62 19.47 -9.12
CAL QMQ C . -13.08 20.18 -11.79
CAO QMQ C . -13.59 21.13 -10.89
NBK QMQ C . -13.86 20.81 -9.54
CAW QMQ C . -14.38 21.86 -8.59
CBD QMQ C . -13.45 22.17 -7.58
CAK QMQ C . -13.86 22.49 -6.29
CAG QMQ C . -12.91 22.78 -5.29
CAJ QMQ C . -12.07 22.16 -7.87
CAF QMQ C . -11.12 22.45 -6.87
CBB QMQ C . -11.54 22.76 -5.58
CAU QMQ C . -10.58 23.04 -4.58
CAS QMQ C . -9.88 21.70 -4.19
CAR QMQ C . -9.32 21.70 -2.76
CAT QMQ C . -8.51 20.40 -2.51
CBA QMQ C . -7.38 20.60 -1.68
CAE QMQ C . -7.50 20.86 -0.31
CAI QMQ C . -6.36 21.04 0.50
CAD QMQ C . -6.09 20.50 -2.23
CAH QMQ C . -4.96 20.68 -1.42
CBC QMQ C . -5.07 20.94 -0.05
CAV QMQ C . -3.92 21.15 0.74
N9 QMQ C . -3.21 19.83 1.14
C8 QMQ C . -3.48 18.59 0.72
N7 QMQ C . -2.64 17.73 1.29
C5 QMQ C . -1.83 18.43 2.07
C4 QMQ C . -2.17 19.74 1.97
N3 QMQ C . -1.53 20.68 2.67
C2 QMQ C . -0.47 20.32 3.49
N1 QMQ C . -0.13 18.96 3.57
C6 QMQ C . -0.82 18.05 2.85
N6 QMQ C . -0.55 16.72 2.90
CAA QMQ D . 2.78 -21.42 13.75
NBI QMQ D . 2.05 -21.34 12.47
CAB QMQ D . 1.55 -20.05 11.96
CBE QMQ D . 1.87 -22.45 11.70
CAM QMQ D . 1.30 -22.37 10.42
CAP QMQ D . 1.09 -23.50 9.61
CAL QMQ D . 2.23 -23.72 12.17
CAO QMQ D . 2.05 -24.86 11.38
NBK QMQ D . 1.47 -24.78 10.10
CAW QMQ D . 1.31 -26.00 9.27
CBD QMQ D . 2.10 -25.87 8.09
CAK QMQ D . 1.60 -26.29 6.85
CAG QMQ D . 2.37 -26.14 5.69
CAJ QMQ D . 3.38 -25.30 8.14
CAF QMQ D . 4.15 -25.14 6.98
CBB QMQ D . 3.66 -25.57 5.75
CAU QMQ D . 4.45 -25.41 4.59
CAS QMQ D . 3.94 -24.24 3.70
CAR QMQ D . 5.12 -23.47 3.06
CAT QMQ D . 4.61 -22.16 2.40
CBA QMQ D . 5.49 -21.66 1.40
CAE QMQ D . 5.33 -22.01 0.05
CAI QMQ D . 6.21 -21.51 -0.92
CAD QMQ D . 6.53 -20.79 1.74
CAH QMQ D . 7.41 -20.30 0.77
CBC QMQ D . 7.25 -20.65 -0.56
CAV QMQ D . 8.13 -20.15 -1.53
N9 QMQ D . 7.85 -18.66 -1.82
C8 QMQ D . 6.97 -17.80 -1.27
N7 QMQ D . 7.10 -16.62 -1.86
C5 QMQ D . 8.06 -16.73 -2.80
C4 QMQ D . 8.50 -18.00 -2.75
N3 QMQ D . 9.47 -18.42 -3.59
C2 QMQ D . 10.03 -17.55 -4.52
N1 QMQ D . 9.54 -16.23 -4.55
C6 QMQ D . 8.58 -15.86 -3.69
N6 QMQ D . 8.10 -14.60 -3.71
#